data_3SQL
#
_entry.id   3SQL
#
_cell.length_a   128.727
_cell.length_b   128.727
_cell.length_c   182.987
_cell.angle_alpha   90.00
_cell.angle_beta   90.00
_cell.angle_gamma   90.00
#
_symmetry.space_group_name_H-M   'P 43 21 2'
#
loop_
_entity.id
_entity.type
_entity.pdbx_description
1 polymer 'Glycosyl hydrolase family 3'
2 non-polymer 'ACETIC ACID'
3 non-polymer 'SULFATE ION'
4 non-polymer 1,2-ETHANEDIOL
5 non-polymer DI(HYDROXYETHYL)ETHER
6 water water
#
_entity_poly.entity_id   1
_entity_poly.type   'polypeptide(L)'
_entity_poly.pdbx_seq_one_letter_code
;SNA(MSE)V(MSE)APLPPVESLSLRQAIAQ(MSE)IVVRGAGYLFDYERPYPQWEADQTTLQRWIEAGIGGVILLGGSA
AEVAQKTKQLQSWAEIPLLIAADIEEGVGQRFRGATEFPPP(MSE)AFGEIWRTDPHQAIALAET(MSE)GATTAQEALS
LGINWVLAPVLDVNNNPHNPVINIRAFGETPDQVSALGTAFIRGAQQYAVLTTAKHFPGHGDTATDSHLALPTISHDDTR
LNTVELPPFKAAIQGGVDAV(MSE)NAHL(MSE)IPAWDQQYPATLSPAILTGQLRHKLGFKGLIVTDALV(MSE)GGIT
QFAAPDTVVVQAIAAGADILL(MSE)PPDVDGAIIAIETAIKTGQLSESRIYESVERIWQAKQKILTATPSTFPQGISGD
RPETRKTVA(MSE)VLERATKHQKSLVKISSFPDNFARNLIVVDSVLKSPFLRPNCPAIAIPQRHGYAAEIVELKTLPRL
QLEAIPTLIQCFLRGNPFTEKLADPIDVLQKIAAQIPLQGVIFYGSPYFLEALQTTLPEIPWWFSYGQ(MSE)AIAQAEI
CTSLWEEAPQAAPSAAEFI
;
_entity_poly.pdbx_strand_id   A,B
#
# COMPACT_ATOMS: atom_id res chain seq x y z
N PRO A 8 -22.24 -30.14 -2.64
CA PRO A 8 -22.40 -30.89 -1.38
C PRO A 8 -21.14 -31.67 -1.00
N LEU A 9 -20.80 -31.66 0.30
CA LEU A 9 -19.70 -32.45 0.82
C LEU A 9 -19.91 -33.92 0.52
N PRO A 10 -18.83 -34.64 0.17
CA PRO A 10 -18.87 -36.10 0.01
C PRO A 10 -18.92 -36.75 1.38
N PRO A 11 -19.42 -38.00 1.48
CA PRO A 11 -19.40 -38.62 2.81
C PRO A 11 -17.97 -38.70 3.35
N VAL A 12 -17.84 -38.52 4.65
CA VAL A 12 -16.54 -38.62 5.30
C VAL A 12 -15.82 -39.89 4.88
N GLU A 13 -16.54 -41.01 4.95
N GLU A 13 -16.50 -41.03 4.96
CA GLU A 13 -16.00 -42.34 4.64
CA GLU A 13 -15.83 -42.30 4.68
C GLU A 13 -15.36 -42.42 3.25
C GLU A 13 -15.35 -42.45 3.22
N SER A 14 -15.82 -41.59 2.32
CA SER A 14 -15.31 -41.59 0.96
C SER A 14 -13.89 -41.03 0.83
N LEU A 15 -13.37 -40.43 1.91
CA LEU A 15 -12.01 -39.86 1.91
C LEU A 15 -10.96 -40.94 2.14
N SER A 16 -9.87 -40.90 1.37
CA SER A 16 -8.68 -41.70 1.68
C SER A 16 -8.08 -41.19 2.98
N LEU A 17 -7.35 -42.05 3.69
CA LEU A 17 -6.79 -41.65 4.98
C LEU A 17 -5.93 -40.38 4.86
N ARG A 18 -5.28 -40.24 3.72
CA ARG A 18 -4.35 -39.14 3.52
C ARG A 18 -5.11 -37.84 3.27
N GLN A 19 -6.23 -37.93 2.55
CA GLN A 19 -7.14 -36.79 2.37
C GLN A 19 -7.79 -36.41 3.70
N ALA A 20 -8.04 -37.40 4.54
CA ALA A 20 -8.64 -37.17 5.84
C ALA A 20 -7.68 -36.37 6.69
N ILE A 21 -6.41 -36.79 6.70
CA ILE A 21 -5.37 -36.06 7.44
C ILE A 21 -5.20 -34.64 6.89
N ALA A 22 -5.10 -34.55 5.57
CA ALA A 22 -4.93 -33.26 4.91
C ALA A 22 -6.03 -32.28 5.30
N GLN A 23 -7.24 -32.78 5.56
CA GLN A 23 -8.37 -31.93 5.95
C GLN A 23 -8.09 -31.17 7.24
N ILE A 25 -5.40 -29.81 8.10
CA ILE A 25 -4.33 -28.84 7.94
C ILE A 25 -4.77 -27.55 7.24
N VAL A 26 -4.39 -26.41 7.81
CA VAL A 26 -4.63 -25.12 7.17
C VAL A 26 -3.31 -24.43 6.91
N VAL A 27 -3.10 -23.99 5.66
CA VAL A 27 -1.79 -23.48 5.23
C VAL A 27 -1.85 -21.98 4.92
N ARG A 28 -0.70 -21.31 5.01
CA ARG A 28 -0.67 -19.87 4.82
C ARG A 28 -0.36 -19.49 3.36
N GLY A 29 -1.24 -18.69 2.76
CA GLY A 29 -0.94 -17.97 1.53
C GLY A 29 -0.83 -16.46 1.71
N ALA A 30 -0.49 -15.77 0.63
CA ALA A 30 -0.62 -14.31 0.59
C ALA A 30 -1.87 -13.98 -0.23
N GLY A 31 -2.57 -12.90 0.13
CA GLY A 31 -3.69 -12.41 -0.67
C GLY A 31 -3.30 -11.99 -2.09
N TYR A 32 -2.04 -11.59 -2.29
CA TYR A 32 -1.59 -11.17 -3.61
C TYR A 32 -1.69 -12.34 -4.59
N LEU A 33 -1.97 -12.05 -5.87
CA LEU A 33 -2.15 -13.10 -6.88
C LEU A 33 -0.86 -13.83 -7.28
N PHE A 34 0.28 -13.12 -7.26
CA PHE A 34 1.50 -13.66 -7.87
C PHE A 34 2.64 -13.94 -6.89
N ASP A 35 3.45 -14.94 -7.21
CA ASP A 35 4.57 -15.36 -6.36
C ASP A 35 5.54 -14.24 -6.01
N TYR A 36 5.92 -13.45 -7.01
CA TYR A 36 6.94 -12.44 -6.80
C TYR A 36 6.43 -11.34 -5.86
N GLU A 37 5.14 -11.36 -5.55
CA GLU A 37 4.60 -10.35 -4.62
C GLU A 37 4.57 -10.78 -3.16
N ARG A 38 4.84 -12.05 -2.86
CA ARG A 38 4.77 -12.50 -1.47
C ARG A 38 5.76 -11.70 -0.62
N PRO A 39 5.25 -11.03 0.43
CA PRO A 39 6.19 -10.38 1.35
C PRO A 39 6.96 -11.38 2.21
N TYR A 40 6.36 -12.55 2.46
CA TYR A 40 6.98 -13.56 3.32
C TYR A 40 7.12 -14.91 2.60
N PRO A 41 7.94 -14.96 1.55
CA PRO A 41 8.01 -16.20 0.76
C PRO A 41 8.48 -17.42 1.57
N GLN A 42 9.09 -17.19 2.73
CA GLN A 42 9.51 -18.31 3.59
C GLN A 42 8.28 -18.96 4.24
N TRP A 43 7.28 -18.15 4.60
CA TRP A 43 6.03 -18.67 5.15
C TRP A 43 4.81 -18.76 4.21
N GLU A 44 4.92 -18.23 3.00
CA GLU A 44 3.74 -18.13 2.15
C GLU A 44 3.95 -19.01 0.93
N ALA A 45 3.10 -20.03 0.78
CA ALA A 45 3.27 -21.00 -0.30
C ALA A 45 3.20 -20.34 -1.66
N ASP A 46 4.08 -20.74 -2.58
CA ASP A 46 3.95 -20.26 -3.96
C ASP A 46 2.77 -20.96 -4.62
N GLN A 47 2.45 -20.55 -5.81
N GLN A 47 2.46 -20.56 -5.85
CA GLN A 47 1.28 -21.03 -6.49
CA GLN A 47 1.26 -21.03 -6.54
C GLN A 47 1.27 -22.53 -6.78
C GLN A 47 1.27 -22.55 -6.71
N THR A 48 2.40 -23.07 -7.18
CA THR A 48 2.52 -24.48 -7.50
C THR A 48 2.25 -25.31 -6.24
N THR A 49 2.84 -24.89 -5.13
CA THR A 49 2.74 -25.61 -3.87
C THR A 49 1.30 -25.50 -3.33
N LEU A 50 0.69 -24.34 -3.51
CA LEU A 50 -0.67 -24.09 -3.02
C LEU A 50 -1.67 -24.95 -3.80
N GLN A 51 -1.59 -24.89 -5.13
CA GLN A 51 -2.39 -25.78 -5.95
C GLN A 51 -2.13 -27.26 -5.59
N ARG A 52 -0.86 -27.61 -5.41
CA ARG A 52 -0.54 -29.01 -5.09
C ARG A 52 -1.23 -29.45 -3.78
N TRP A 53 -1.07 -28.64 -2.74
CA TRP A 53 -1.68 -28.93 -1.45
C TRP A 53 -3.20 -29.01 -1.52
N ILE A 54 -3.79 -28.11 -2.31
CA ILE A 54 -5.24 -28.05 -2.41
C ILE A 54 -5.76 -29.25 -3.20
N GLU A 55 -5.04 -29.59 -4.27
CA GLU A 55 -5.38 -30.75 -5.06
C GLU A 55 -5.15 -32.05 -4.27
N ALA A 56 -4.26 -32.01 -3.29
CA ALA A 56 -4.06 -33.17 -2.41
C ALA A 56 -5.04 -33.18 -1.22
N GLY A 57 -5.95 -32.20 -1.17
CA GLY A 57 -7.01 -32.22 -0.18
C GLY A 57 -6.79 -31.46 1.12
N ILE A 58 -5.89 -30.49 1.10
CA ILE A 58 -5.69 -29.63 2.26
C ILE A 58 -7.06 -29.05 2.68
N GLY A 59 -7.28 -28.89 3.98
CA GLY A 59 -8.56 -28.46 4.49
C GLY A 59 -8.86 -26.97 4.35
N GLY A 60 -7.83 -26.14 4.39
CA GLY A 60 -8.07 -24.72 4.38
C GLY A 60 -6.83 -23.88 4.18
N VAL A 61 -7.05 -22.57 4.04
CA VAL A 61 -5.98 -21.62 3.76
C VAL A 61 -6.22 -20.38 4.61
N ILE A 62 -5.16 -19.89 5.25
CA ILE A 62 -5.23 -18.60 5.89
C ILE A 62 -4.48 -17.57 5.01
N LEU A 63 -5.09 -16.42 4.78
CA LEU A 63 -4.52 -15.41 3.90
C LEU A 63 -4.11 -14.13 4.65
N LEU A 64 -2.96 -13.58 4.24
CA LEU A 64 -2.54 -12.29 4.72
C LEU A 64 -2.11 -11.44 3.55
N GLY A 65 -2.43 -10.15 3.59
CA GLY A 65 -1.97 -9.22 2.58
C GLY A 65 -2.86 -9.16 1.34
N GLY A 66 -2.79 -8.03 0.64
CA GLY A 66 -3.54 -7.81 -0.59
C GLY A 66 -4.71 -6.88 -0.39
N SER A 67 -5.10 -6.17 -1.45
CA SER A 67 -6.33 -5.39 -1.38
C SER A 67 -7.53 -6.33 -1.33
N ALA A 68 -8.65 -5.83 -0.83
CA ALA A 68 -9.90 -6.58 -0.86
C ALA A 68 -10.19 -7.13 -2.25
N ALA A 69 -10.01 -6.31 -3.29
CA ALA A 69 -10.28 -6.76 -4.64
C ALA A 69 -9.37 -7.92 -5.06
N GLU A 70 -8.10 -7.88 -4.66
CA GLU A 70 -7.17 -8.97 -4.96
C GLU A 70 -7.64 -10.24 -4.28
N VAL A 71 -7.99 -10.11 -2.99
CA VAL A 71 -8.38 -11.27 -2.21
C VAL A 71 -9.61 -11.97 -2.80
N ALA A 72 -10.55 -11.17 -3.32
CA ALA A 72 -11.75 -11.73 -3.92
C ALA A 72 -11.34 -12.61 -5.09
N GLN A 73 -10.28 -12.20 -5.77
N GLN A 73 -10.32 -12.21 -5.83
CA GLN A 73 -9.77 -12.91 -6.94
CA GLN A 73 -9.84 -13.03 -6.94
C GLN A 73 -8.97 -14.15 -6.51
C GLN A 73 -9.05 -14.23 -6.43
N LYS A 74 -8.25 -14.01 -5.40
CA LYS A 74 -7.48 -15.10 -4.83
C LYS A 74 -8.35 -16.27 -4.35
N THR A 75 -9.40 -15.96 -3.57
CA THR A 75 -10.21 -17.02 -2.98
C THR A 75 -10.97 -17.79 -4.04
N LYS A 76 -11.32 -17.10 -5.12
CA LYS A 76 -11.95 -17.73 -6.27
C LYS A 76 -11.00 -18.75 -6.93
N GLN A 77 -9.73 -18.35 -7.08
CA GLN A 77 -8.74 -19.24 -7.67
C GLN A 77 -8.50 -20.46 -6.79
N LEU A 78 -8.36 -20.25 -5.49
CA LEU A 78 -8.14 -21.35 -4.55
C LEU A 78 -9.28 -22.35 -4.55
N GLN A 79 -10.51 -21.86 -4.46
CA GLN A 79 -11.69 -22.72 -4.41
C GLN A 79 -11.84 -23.50 -5.71
N SER A 80 -11.36 -22.92 -6.81
CA SER A 80 -11.56 -23.54 -8.11
C SER A 80 -10.68 -24.78 -8.20
N TRP A 81 -9.62 -24.80 -7.40
CA TRP A 81 -8.71 -25.94 -7.35
C TRP A 81 -9.19 -27.03 -6.41
N ALA A 82 -10.15 -26.71 -5.53
CA ALA A 82 -10.52 -27.64 -4.46
C ALA A 82 -11.65 -28.59 -4.85
N GLU A 83 -11.48 -29.87 -4.59
CA GLU A 83 -12.59 -30.80 -4.75
C GLU A 83 -13.55 -30.68 -3.58
N ILE A 84 -13.00 -30.52 -2.38
CA ILE A 84 -13.79 -30.26 -1.20
C ILE A 84 -13.59 -28.80 -0.82
N PRO A 85 -14.70 -28.05 -0.68
CA PRO A 85 -14.58 -26.61 -0.43
C PRO A 85 -13.67 -26.32 0.77
N LEU A 86 -12.83 -25.30 0.58
CA LEU A 86 -11.85 -24.87 1.56
C LEU A 86 -12.45 -23.98 2.63
N LEU A 87 -11.93 -24.10 3.85
CA LEU A 87 -12.11 -23.04 4.82
C LEU A 87 -11.11 -21.97 4.45
N ILE A 88 -11.55 -20.72 4.42
CA ILE A 88 -10.65 -19.62 4.12
C ILE A 88 -10.72 -18.59 5.23
N ALA A 89 -9.61 -18.45 5.91
CA ALA A 89 -9.49 -17.69 7.12
C ALA A 89 -8.56 -16.50 7.02
N ALA A 90 -8.81 -15.52 7.86
CA ALA A 90 -7.98 -14.35 8.00
C ALA A 90 -8.08 -13.80 9.40
N ASP A 91 -7.04 -13.13 9.87
CA ASP A 91 -7.00 -12.51 11.19
C ASP A 91 -7.61 -11.11 11.13
N ILE A 92 -8.88 -11.05 10.81
CA ILE A 92 -9.60 -9.83 10.69
C ILE A 92 -10.28 -9.43 11.98
N GLU A 93 -9.49 -8.92 12.90
CA GLU A 93 -9.92 -8.56 14.23
C GLU A 93 -10.43 -7.14 14.37
N GLU A 94 -10.14 -6.31 13.41
CA GLU A 94 -10.47 -4.91 13.44
C GLU A 94 -11.17 -4.50 12.14
N GLY A 95 -12.07 -5.37 11.71
CA GLY A 95 -12.75 -5.27 10.44
C GLY A 95 -11.99 -5.99 9.35
N VAL A 96 -12.65 -6.36 8.27
CA VAL A 96 -11.95 -6.98 7.14
C VAL A 96 -10.87 -6.03 6.62
N GLY A 97 -11.14 -4.73 6.74
CA GLY A 97 -10.27 -3.70 6.20
C GLY A 97 -8.96 -3.58 6.95
N GLN A 98 -8.89 -4.14 8.15
CA GLN A 98 -7.61 -4.20 8.84
C GLN A 98 -6.56 -4.96 8.01
N ARG A 99 -6.97 -6.11 7.47
CA ARG A 99 -6.13 -6.94 6.61
C ARG A 99 -6.10 -6.57 5.13
N PHE A 100 -7.27 -6.24 4.59
CA PHE A 100 -7.40 -6.11 3.15
C PHE A 100 -8.00 -4.76 2.78
N ARG A 101 -7.14 -3.93 2.19
N ARG A 101 -7.14 -3.89 2.31
CA ARG A 101 -7.45 -2.53 2.03
CA ARG A 101 -7.48 -2.51 2.07
C ARG A 101 -8.58 -2.40 1.02
C ARG A 101 -8.57 -2.38 1.04
N GLY A 102 -9.52 -1.52 1.29
CA GLY A 102 -10.67 -1.35 0.42
C GLY A 102 -11.94 -1.91 1.06
N ALA A 103 -11.76 -2.66 2.13
CA ALA A 103 -12.87 -3.07 2.98
C ALA A 103 -12.83 -2.20 4.24
N THR A 104 -13.78 -2.40 5.14
CA THR A 104 -13.94 -1.49 6.26
C THR A 104 -13.06 -1.83 7.45
N GLU A 105 -12.22 -0.88 7.87
N GLU A 105 -12.21 -0.90 7.88
CA GLU A 105 -11.44 -1.05 9.09
CA GLU A 105 -11.45 -1.13 9.10
C GLU A 105 -12.17 -0.41 10.27
C GLU A 105 -12.07 -0.41 10.29
N PHE A 106 -12.39 -1.18 11.32
CA PHE A 106 -12.97 -0.66 12.55
C PHE A 106 -11.85 -0.26 13.50
N PRO A 107 -12.17 0.57 14.50
CA PRO A 107 -11.16 0.78 15.54
C PRO A 107 -10.93 -0.52 16.30
N PRO A 108 -9.82 -0.61 17.02
CA PRO A 108 -9.50 -1.83 17.76
C PRO A 108 -10.52 -2.11 18.86
N PRO A 109 -10.69 -3.39 19.23
CA PRO A 109 -11.65 -3.82 20.25
C PRO A 109 -11.59 -3.03 21.55
N ALA A 111 -11.22 0.03 22.08
CA ALA A 111 -12.03 1.25 21.98
C ALA A 111 -13.49 0.95 22.37
N PHE A 112 -13.99 -0.21 21.92
CA PHE A 112 -15.33 -0.63 22.30
C PHE A 112 -15.39 -0.84 23.81
N GLY A 113 -14.32 -1.37 24.38
CA GLY A 113 -14.25 -1.56 25.82
C GLY A 113 -14.26 -0.25 26.58
N GLU A 114 -13.61 0.77 26.03
CA GLU A 114 -13.55 2.07 26.68
C GLU A 114 -14.98 2.63 26.80
N ILE A 115 -15.76 2.45 25.74
CA ILE A 115 -17.13 2.94 25.71
C ILE A 115 -18.00 2.19 26.70
N TRP A 116 -17.76 0.88 26.80
CA TRP A 116 -18.51 0.02 27.70
C TRP A 116 -18.45 0.50 29.15
N ARG A 117 -17.34 1.12 29.54
CA ARG A 117 -17.22 1.58 30.92
C ARG A 117 -18.38 2.50 31.33
N THR A 118 -18.59 3.57 30.59
CA THR A 118 -19.72 4.47 30.86
C THR A 118 -21.07 4.16 30.17
N ASP A 119 -21.05 3.39 29.08
CA ASP A 119 -22.29 3.15 28.31
C ASP A 119 -22.34 1.74 27.74
N PRO A 120 -22.50 0.74 28.61
CA PRO A 120 -22.40 -0.65 28.16
C PRO A 120 -23.37 -1.00 27.04
N HIS A 121 -24.60 -0.52 27.12
N HIS A 121 -24.60 -0.51 27.12
CA HIS A 121 -25.61 -0.82 26.11
CA HIS A 121 -25.60 -0.85 26.11
C HIS A 121 -25.16 -0.38 24.71
C HIS A 121 -25.21 -0.37 24.70
N GLN A 122 -24.73 0.87 24.60
CA GLN A 122 -24.27 1.39 23.32
C GLN A 122 -23.05 0.61 22.84
N ALA A 123 -22.10 0.35 23.73
CA ALA A 123 -20.89 -0.35 23.33
C ALA A 123 -21.24 -1.71 22.74
N ILE A 124 -22.18 -2.40 23.38
CA ILE A 124 -22.62 -3.71 22.94
C ILE A 124 -23.24 -3.64 21.55
N ALA A 125 -24.12 -2.66 21.34
CA ALA A 125 -24.69 -2.41 20.02
C ALA A 125 -23.60 -2.22 18.94
N LEU A 126 -22.62 -1.37 19.23
CA LEU A 126 -21.56 -1.07 18.27
C LEU A 126 -20.73 -2.32 17.96
N ALA A 127 -20.42 -3.11 18.99
CA ALA A 127 -19.69 -4.35 18.82
C ALA A 127 -20.44 -5.36 17.94
N GLU A 128 -21.77 -5.43 18.07
CA GLU A 128 -22.56 -6.30 17.20
C GLU A 128 -22.47 -5.85 15.74
N THR A 129 -22.57 -4.54 15.56
CA THR A 129 -22.43 -3.96 14.23
C THR A 129 -21.04 -4.32 13.65
N GLY A 131 -19.20 -7.03 14.39
CA GLY A 131 -19.26 -8.43 14.03
C GLY A 131 -20.04 -8.63 12.73
N ALA A 132 -21.22 -8.01 12.65
CA ALA A 132 -22.07 -8.15 11.47
C ALA A 132 -21.35 -7.72 10.20
N THR A 133 -20.72 -6.55 10.27
CA THR A 133 -20.07 -5.98 9.10
C THR A 133 -18.83 -6.77 8.71
N THR A 134 -18.04 -7.17 9.70
CA THR A 134 -16.90 -8.03 9.47
C THR A 134 -17.35 -9.27 8.69
N ALA A 135 -18.41 -9.91 9.18
CA ALA A 135 -18.87 -11.17 8.62
C ALA A 135 -19.35 -10.97 7.19
N GLN A 136 -20.14 -9.91 6.99
CA GLN A 136 -20.67 -9.60 5.67
C GLN A 136 -19.56 -9.36 4.64
N GLU A 137 -18.57 -8.57 5.02
CA GLU A 137 -17.50 -8.21 4.10
C GLU A 137 -16.59 -9.42 3.85
N ALA A 138 -16.38 -10.23 4.88
CA ALA A 138 -15.61 -11.46 4.74
C ALA A 138 -16.19 -12.32 3.62
N LEU A 139 -17.47 -12.63 3.70
CA LEU A 139 -18.12 -13.47 2.69
C LEU A 139 -18.01 -12.86 1.30
N SER A 140 -18.05 -11.53 1.25
CA SER A 140 -17.95 -10.81 0.00
C SER A 140 -16.61 -11.11 -0.65
N LEU A 141 -15.59 -11.36 0.16
CA LEU A 141 -14.25 -11.64 -0.35
C LEU A 141 -13.95 -13.14 -0.51
N GLY A 142 -14.90 -13.99 -0.12
CA GLY A 142 -14.64 -15.42 -0.13
C GLY A 142 -13.94 -15.90 1.14
N ILE A 143 -13.88 -15.05 2.17
CA ILE A 143 -13.37 -15.49 3.47
C ILE A 143 -14.55 -16.00 4.29
N ASN A 144 -14.57 -17.30 4.56
CA ASN A 144 -15.64 -17.91 5.37
C ASN A 144 -15.29 -18.18 6.82
N TRP A 145 -14.04 -17.91 7.20
CA TRP A 145 -13.63 -18.18 8.56
C TRP A 145 -12.99 -16.95 9.18
N VAL A 146 -13.69 -16.36 10.14
CA VAL A 146 -13.26 -15.14 10.82
C VAL A 146 -12.42 -15.53 12.04
N LEU A 147 -11.16 -15.14 12.13
CA LEU A 147 -10.48 -15.59 13.33
C LEU A 147 -10.52 -14.42 14.29
N ALA A 148 -11.53 -14.45 15.13
CA ALA A 148 -11.93 -13.35 15.98
C ALA A 148 -13.26 -13.84 16.53
N PRO A 149 -13.67 -13.35 17.71
CA PRO A 149 -13.05 -12.32 18.53
C PRO A 149 -11.89 -12.80 19.39
N VAL A 150 -10.94 -11.91 19.65
CA VAL A 150 -9.98 -12.09 20.73
C VAL A 150 -10.76 -11.96 22.04
N LEU A 151 -10.73 -13.02 22.85
CA LEU A 151 -11.31 -13.03 24.20
C LEU A 151 -10.31 -12.89 25.35
N ASP A 152 -9.04 -12.65 25.01
CA ASP A 152 -8.03 -12.39 26.02
C ASP A 152 -8.44 -11.17 26.87
N VAL A 153 -8.13 -11.22 28.15
CA VAL A 153 -8.45 -10.12 29.06
C VAL A 153 -7.14 -9.42 29.35
N ASN A 154 -6.94 -8.17 28.90
CA ASN A 154 -5.59 -7.67 28.99
C ASN A 154 -5.54 -6.98 30.35
N ASN A 155 -5.10 -7.74 31.35
CA ASN A 155 -4.94 -7.22 32.71
C ASN A 155 -3.51 -6.92 33.08
N ASN A 156 -2.61 -7.17 32.15
CA ASN A 156 -1.22 -6.80 32.33
C ASN A 156 -0.95 -5.68 31.33
N PRO A 157 -0.80 -4.45 31.82
CA PRO A 157 -0.68 -3.28 30.93
C PRO A 157 0.55 -3.38 30.04
N HIS A 158 1.49 -4.24 30.40
CA HIS A 158 2.72 -4.40 29.62
C HIS A 158 2.59 -5.44 28.50
N ASN A 159 1.44 -6.07 28.37
CA ASN A 159 1.30 -7.11 27.35
C ASN A 159 1.58 -6.52 25.96
N PRO A 160 2.68 -6.95 25.31
CA PRO A 160 3.08 -6.45 23.98
C PRO A 160 2.29 -7.02 22.81
N VAL A 161 1.81 -8.24 22.97
CA VAL A 161 1.09 -8.93 21.89
C VAL A 161 -0.42 -8.68 21.76
N ILE A 162 -1.11 -8.68 22.90
CA ILE A 162 -2.56 -8.47 22.89
C ILE A 162 -2.88 -6.97 22.94
N ASN A 163 -2.68 -6.35 24.10
CA ASN A 163 -2.76 -4.90 24.19
C ASN A 163 -4.16 -4.46 23.73
N ILE A 164 -4.25 -3.50 22.80
CA ILE A 164 -5.55 -2.99 22.36
C ILE A 164 -6.37 -3.98 21.50
N ARG A 165 -5.79 -5.13 21.16
CA ARG A 165 -6.56 -6.18 20.50
C ARG A 165 -7.62 -6.80 21.41
N ALA A 166 -7.49 -6.59 22.72
CA ALA A 166 -8.50 -7.08 23.69
C ALA A 166 -9.69 -6.13 23.81
N PHE A 167 -10.87 -6.69 24.07
CA PHE A 167 -12.05 -5.87 24.29
C PHE A 167 -12.05 -5.16 25.65
N GLY A 168 -11.09 -5.50 26.51
CA GLY A 168 -11.10 -4.95 27.85
C GLY A 168 -10.12 -5.55 28.84
N GLU A 169 -10.12 -4.99 30.04
CA GLU A 169 -9.28 -5.45 31.15
C GLU A 169 -9.96 -6.30 32.24
N THR A 170 -11.28 -6.51 32.14
CA THR A 170 -11.98 -7.37 33.08
C THR A 170 -12.83 -8.39 32.34
N PRO A 171 -13.06 -9.55 32.97
CA PRO A 171 -13.87 -10.60 32.32
C PRO A 171 -15.29 -10.14 31.95
N ASP A 172 -15.97 -9.39 32.81
CA ASP A 172 -17.32 -8.90 32.48
C ASP A 172 -17.33 -8.11 31.17
N GLN A 173 -16.47 -7.10 31.13
CA GLN A 173 -16.30 -6.26 29.96
C GLN A 173 -16.04 -7.10 28.69
N VAL A 174 -15.02 -7.95 28.74
CA VAL A 174 -14.64 -8.76 27.59
C VAL A 174 -15.73 -9.75 27.19
N SER A 175 -16.42 -10.30 28.18
CA SER A 175 -17.45 -11.27 27.90
C SER A 175 -18.63 -10.65 27.13
N ALA A 176 -19.06 -9.47 27.57
CA ALA A 176 -20.21 -8.81 26.96
C ALA A 176 -19.91 -8.34 25.52
N LEU A 177 -18.71 -7.82 25.29
CA LEU A 177 -18.36 -7.29 23.97
C LEU A 177 -17.99 -8.41 23.00
N GLY A 178 -17.24 -9.39 23.47
CA GLY A 178 -16.88 -10.52 22.64
C GLY A 178 -18.11 -11.28 22.16
N THR A 179 -19.05 -11.51 23.06
CA THR A 179 -20.25 -12.22 22.66
C THR A 179 -21.14 -11.36 21.75
N ALA A 180 -21.13 -10.04 21.96
CA ALA A 180 -21.87 -9.14 21.06
C ALA A 180 -21.34 -9.25 19.62
N PHE A 181 -20.02 -9.27 19.49
CA PHE A 181 -19.35 -9.43 18.21
C PHE A 181 -19.80 -10.73 17.53
N ILE A 182 -19.85 -11.79 18.33
CA ILE A 182 -20.23 -13.10 17.84
C ILE A 182 -21.68 -13.13 17.36
N ARG A 183 -22.57 -12.47 18.11
CA ARG A 183 -23.98 -12.39 17.72
C ARG A 183 -24.13 -11.64 16.40
N GLY A 184 -23.36 -10.58 16.22
CA GLY A 184 -23.36 -9.85 14.95
C GLY A 184 -22.92 -10.73 13.79
N ALA A 185 -21.80 -11.42 13.95
CA ALA A 185 -21.27 -12.26 12.87
C ALA A 185 -22.21 -13.44 12.58
N GLN A 186 -23.01 -13.83 13.57
CA GLN A 186 -23.93 -14.95 13.39
C GLN A 186 -25.12 -14.64 12.47
N GLN A 187 -25.26 -13.39 12.05
CA GLN A 187 -26.23 -13.06 11.01
C GLN A 187 -25.82 -13.63 9.63
N TYR A 188 -24.58 -14.11 9.52
CA TYR A 188 -24.04 -14.54 8.23
C TYR A 188 -23.46 -15.93 8.35
N ALA A 189 -23.19 -16.61 7.23
CA ALA A 189 -22.66 -17.95 7.45
C ALA A 189 -21.15 -17.94 7.28
N VAL A 190 -20.51 -17.83 8.44
CA VAL A 190 -19.08 -17.72 8.57
C VAL A 190 -18.85 -18.35 9.92
N LEU A 191 -17.66 -18.89 10.11
CA LEU A 191 -17.26 -19.43 11.39
C LEU A 191 -16.67 -18.28 12.19
N THR A 192 -16.90 -18.28 13.50
CA THR A 192 -16.28 -17.32 14.40
C THR A 192 -15.30 -18.08 15.29
N THR A 193 -14.30 -17.38 15.82
CA THR A 193 -13.21 -18.03 16.56
C THR A 193 -12.80 -17.31 17.83
N ALA A 194 -12.91 -17.99 18.97
CA ALA A 194 -12.46 -17.45 20.25
C ALA A 194 -10.95 -17.66 20.42
N LYS A 195 -10.20 -16.60 20.70
CA LYS A 195 -8.74 -16.66 20.91
C LYS A 195 -8.35 -15.85 22.14
N HIS A 196 -7.28 -16.20 22.84
CA HIS A 196 -6.46 -17.38 22.57
C HIS A 196 -6.53 -18.24 23.85
N PHE A 197 -7.20 -19.38 23.78
CA PHE A 197 -7.53 -20.14 24.97
C PHE A 197 -6.27 -20.69 25.66
N PRO A 198 -6.26 -20.72 27.01
CA PRO A 198 -7.33 -20.13 27.85
C PRO A 198 -7.12 -18.65 28.25
N GLY A 199 -6.67 -17.88 27.29
CA GLY A 199 -6.38 -16.45 27.34
C GLY A 199 -4.94 -16.04 27.64
N HIS A 200 -4.52 -15.10 26.81
CA HIS A 200 -3.16 -14.60 26.64
C HIS A 200 -3.00 -13.26 27.38
N GLY A 201 -4.04 -12.87 28.09
CA GLY A 201 -4.11 -11.58 28.73
C GLY A 201 -3.01 -11.21 29.71
N ASP A 202 -2.71 -12.05 30.69
CA ASP A 202 -1.77 -11.56 31.66
C ASP A 202 -0.42 -12.19 31.36
N THR A 203 0.38 -11.48 30.58
CA THR A 203 1.79 -11.78 30.41
C THR A 203 2.43 -10.56 29.77
N ALA A 204 3.74 -10.40 29.93
CA ALA A 204 4.51 -9.40 29.21
C ALA A 204 5.26 -10.00 28.02
N THR A 205 5.01 -11.27 27.73
CA THR A 205 5.77 -11.97 26.69
C THR A 205 4.96 -12.33 25.45
N ASP A 206 5.52 -12.05 24.29
CA ASP A 206 4.88 -12.38 23.02
C ASP A 206 5.19 -13.83 22.62
N SER A 207 4.16 -14.65 22.48
CA SER A 207 4.35 -16.04 22.11
C SER A 207 4.85 -16.21 20.66
N HIS A 208 4.88 -15.14 19.87
CA HIS A 208 5.57 -15.20 18.58
C HIS A 208 7.09 -15.29 18.76
N LEU A 209 7.59 -14.64 19.81
CA LEU A 209 9.01 -14.67 20.19
C LEU A 209 9.54 -15.79 21.10
N ALA A 210 8.75 -16.13 22.11
CA ALA A 210 9.15 -17.05 23.18
C ALA A 210 7.92 -17.65 23.88
N LEU A 211 8.10 -18.72 24.65
CA LEU A 211 6.99 -19.36 25.34
C LEU A 211 6.70 -18.67 26.67
N PRO A 212 5.54 -18.00 26.79
CA PRO A 212 5.17 -17.34 28.04
C PRO A 212 4.61 -18.35 29.02
N THR A 213 4.72 -18.04 30.31
CA THR A 213 4.12 -18.83 31.36
C THR A 213 3.14 -17.97 32.17
N ILE A 214 1.90 -18.42 32.26
CA ILE A 214 0.89 -17.76 33.09
C ILE A 214 0.71 -18.59 34.37
N SER A 215 1.12 -18.03 35.50
CA SER A 215 1.31 -18.80 36.73
C SER A 215 0.11 -18.84 37.68
N HIS A 216 -0.99 -18.21 37.29
CA HIS A 216 -2.18 -18.13 38.14
C HIS A 216 -2.80 -19.50 38.45
N ASP A 217 -3.47 -19.60 39.59
CA ASP A 217 -4.06 -20.87 39.99
C ASP A 217 -5.40 -21.16 39.31
N ASP A 218 -5.96 -22.33 39.59
CA ASP A 218 -7.18 -22.75 38.93
C ASP A 218 -8.33 -21.80 39.24
N THR A 219 -8.48 -21.41 40.50
CA THR A 219 -9.55 -20.49 40.88
C THR A 219 -9.46 -19.18 40.09
N ARG A 220 -8.26 -18.61 40.04
CA ARG A 220 -8.07 -17.35 39.33
C ARG A 220 -8.35 -17.51 37.82
N LEU A 221 -7.94 -18.65 37.25
CA LEU A 221 -8.17 -18.86 35.82
C LEU A 221 -9.66 -18.89 35.53
N ASN A 222 -10.42 -19.49 36.43
CA ASN A 222 -11.88 -19.54 36.27
C ASN A 222 -12.58 -18.22 36.61
N THR A 223 -11.91 -17.37 37.37
CA THR A 223 -12.43 -16.04 37.72
C THR A 223 -12.20 -14.97 36.63
N VAL A 224 -11.03 -15.01 35.99
CA VAL A 224 -10.62 -13.93 35.09
C VAL A 224 -10.48 -14.37 33.63
N GLU A 225 -9.55 -15.27 33.36
CA GLU A 225 -9.25 -15.70 32.00
C GLU A 225 -10.42 -16.38 31.30
N LEU A 226 -11.05 -17.34 31.99
CA LEU A 226 -12.08 -18.20 31.41
C LEU A 226 -13.48 -17.64 31.06
N PRO A 227 -14.07 -16.82 31.95
CA PRO A 227 -15.48 -16.46 31.74
C PRO A 227 -15.87 -16.03 30.31
N PRO A 228 -15.01 -15.25 29.62
CA PRO A 228 -15.35 -14.86 28.24
C PRO A 228 -15.39 -16.06 27.28
N PHE A 229 -14.49 -17.03 27.48
CA PHE A 229 -14.52 -18.24 26.69
C PHE A 229 -15.79 -19.07 26.98
N LYS A 230 -16.16 -19.21 28.25
CA LYS A 230 -17.36 -19.98 28.59
C LYS A 230 -18.57 -19.33 27.93
N ALA A 231 -18.63 -18.00 27.96
CA ALA A 231 -19.75 -17.29 27.37
C ALA A 231 -19.77 -17.49 25.86
N ALA A 232 -18.58 -17.49 25.23
CA ALA A 232 -18.54 -17.58 23.77
C ALA A 232 -18.93 -19.00 23.36
N ILE A 233 -18.53 -19.97 24.17
CA ILE A 233 -18.88 -21.36 23.94
C ILE A 233 -20.38 -21.55 24.05
N GLN A 234 -20.99 -21.04 25.11
CA GLN A 234 -22.45 -21.10 25.25
C GLN A 234 -23.16 -20.32 24.15
N GLY A 235 -22.52 -19.27 23.66
CA GLY A 235 -23.08 -18.48 22.57
C GLY A 235 -22.87 -19.08 21.18
N GLY A 236 -22.26 -20.27 21.14
CA GLY A 236 -22.14 -21.00 19.88
C GLY A 236 -20.97 -20.61 18.99
N VAL A 237 -19.88 -20.14 19.58
CA VAL A 237 -18.70 -19.87 18.78
C VAL A 237 -18.30 -21.17 18.08
N ASP A 238 -17.86 -21.08 16.83
CA ASP A 238 -17.58 -22.28 16.02
C ASP A 238 -16.25 -22.95 16.31
N ALA A 239 -15.27 -22.14 16.70
CA ALA A 239 -13.92 -22.60 16.85
C ALA A 239 -13.29 -21.89 18.05
N VAL A 240 -12.37 -22.58 18.68
CA VAL A 240 -11.57 -22.00 19.75
C VAL A 240 -10.10 -22.23 19.41
N ASN A 242 -6.23 -22.05 20.59
N ASN A 242 -6.16 -22.00 20.56
CA ASN A 242 -5.40 -22.02 21.79
CA ASN A 242 -5.44 -22.04 21.83
C ASN A 242 -4.18 -21.13 21.67
C ASN A 242 -4.04 -21.41 21.79
N ALA A 243 -3.72 -20.62 22.81
CA ALA A 243 -2.43 -19.92 22.87
C ALA A 243 -1.28 -20.90 23.02
N HIS A 244 -0.06 -20.54 22.59
CA HIS A 244 1.05 -21.40 22.98
C HIS A 244 1.53 -20.78 24.28
N LEU A 245 1.21 -21.44 25.39
CA LEU A 245 1.46 -20.90 26.71
C LEU A 245 1.67 -22.05 27.67
N ILE A 247 0.73 -23.26 31.22
CA ILE A 247 -0.24 -23.01 32.28
C ILE A 247 0.00 -24.02 33.43
N PRO A 248 1.04 -23.78 34.25
CA PRO A 248 1.48 -24.81 35.21
C PRO A 248 0.42 -25.25 36.21
N ALA A 249 -0.65 -24.49 36.37
CA ALA A 249 -1.70 -24.94 37.28
C ALA A 249 -2.35 -26.18 36.69
N TRP A 250 -2.54 -26.17 35.38
CA TRP A 250 -3.01 -27.33 34.65
C TRP A 250 -2.00 -28.35 34.15
N ASP A 251 -0.92 -27.87 33.54
CA ASP A 251 0.13 -28.75 32.99
C ASP A 251 1.51 -28.10 33.17
N GLN A 252 2.45 -28.80 33.81
CA GLN A 252 3.80 -28.31 34.02
C GLN A 252 4.73 -28.79 32.93
N GLN A 253 4.20 -29.69 32.11
CA GLN A 253 4.97 -30.46 31.14
C GLN A 253 4.85 -29.87 29.75
N TYR A 254 3.62 -29.76 29.26
CA TYR A 254 3.37 -29.28 27.91
C TYR A 254 2.66 -27.93 27.89
N PRO A 255 2.97 -27.11 26.87
CA PRO A 255 2.18 -25.89 26.65
C PRO A 255 0.79 -26.30 26.17
N ALA A 256 -0.18 -25.40 26.22
CA ALA A 256 -1.56 -25.75 25.90
C ALA A 256 -1.69 -26.52 24.57
N THR A 257 -0.95 -26.08 23.56
CA THR A 257 -1.01 -26.64 22.23
C THR A 257 -0.77 -28.15 22.19
N LEU A 258 0.16 -28.62 23.01
CA LEU A 258 0.46 -30.04 23.14
C LEU A 258 -0.19 -30.77 24.33
N SER A 259 -1.04 -30.07 25.10
CA SER A 259 -1.49 -30.60 26.39
C SER A 259 -2.88 -31.24 26.39
N PRO A 260 -2.96 -32.56 26.49
CA PRO A 260 -4.26 -33.22 26.63
C PRO A 260 -5.07 -32.62 27.78
N ALA A 261 -4.40 -32.43 28.91
CA ALA A 261 -5.05 -31.85 30.07
C ALA A 261 -5.76 -30.55 29.72
N ILE A 262 -5.06 -29.68 28.98
CA ILE A 262 -5.64 -28.40 28.61
C ILE A 262 -6.67 -28.46 27.46
N LEU A 263 -6.27 -29.03 26.32
CA LEU A 263 -7.17 -29.04 25.17
C LEU A 263 -8.37 -29.96 25.41
N THR A 264 -8.13 -31.20 25.82
CA THR A 264 -9.24 -32.10 26.14
C THR A 264 -9.83 -31.96 27.55
N GLY A 265 -8.96 -31.88 28.56
CA GLY A 265 -9.46 -31.86 29.92
C GLY A 265 -10.26 -30.60 30.19
N GLN A 266 -9.64 -29.44 30.00
CA GLN A 266 -10.34 -28.18 30.21
C GLN A 266 -11.36 -27.80 29.12
N LEU A 267 -10.91 -27.75 27.85
CA LEU A 267 -11.77 -27.21 26.78
C LEU A 267 -12.88 -28.14 26.27
N ARG A 268 -12.49 -29.33 25.81
CA ARG A 268 -13.43 -30.27 25.23
C ARG A 268 -14.33 -30.88 26.30
N HIS A 269 -13.72 -31.28 27.42
CA HIS A 269 -14.43 -32.01 28.48
C HIS A 269 -15.15 -31.08 29.44
N LYS A 270 -14.38 -30.29 30.19
CA LYS A 270 -14.96 -29.47 31.26
C LYS A 270 -15.91 -28.40 30.74
N LEU A 271 -15.47 -27.63 29.74
CA LEU A 271 -16.30 -26.57 29.17
C LEU A 271 -17.29 -27.11 28.14
N GLY A 272 -17.13 -28.37 27.78
CA GLY A 272 -18.06 -29.01 26.87
C GLY A 272 -18.09 -28.41 25.47
N PHE A 273 -16.97 -27.86 25.02
CA PHE A 273 -16.91 -27.27 23.69
C PHE A 273 -16.96 -28.34 22.58
N LYS A 274 -17.93 -28.20 21.68
CA LYS A 274 -18.14 -29.19 20.63
C LYS A 274 -17.57 -28.84 19.24
N GLY A 275 -16.96 -27.68 19.12
CA GLY A 275 -16.58 -27.18 17.80
C GLY A 275 -15.14 -27.47 17.48
N LEU A 276 -14.56 -26.69 16.56
CA LEU A 276 -13.19 -26.92 16.13
C LEU A 276 -12.19 -26.36 17.13
N ILE A 277 -11.32 -27.23 17.64
CA ILE A 277 -10.15 -26.78 18.39
C ILE A 277 -8.97 -26.56 17.43
N VAL A 278 -8.46 -25.34 17.40
CA VAL A 278 -7.45 -24.96 16.43
C VAL A 278 -6.19 -24.50 17.15
N THR A 279 -5.02 -24.95 16.69
CA THR A 279 -3.77 -24.48 17.27
C THR A 279 -3.52 -23.04 16.82
N ASP A 280 -2.76 -22.28 17.60
CA ASP A 280 -2.27 -21.03 17.07
C ASP A 280 -1.19 -21.45 16.03
N ALA A 281 -0.61 -20.49 15.31
CA ALA A 281 0.26 -20.84 14.20
C ALA A 281 1.48 -21.66 14.67
N LEU A 282 1.76 -22.76 13.98
CA LEU A 282 2.76 -23.70 14.46
C LEU A 282 4.17 -23.31 14.05
N VAL A 283 4.31 -22.18 13.36
CA VAL A 283 5.63 -21.65 13.04
C VAL A 283 6.05 -20.60 14.06
N GLY A 285 7.50 -18.90 17.40
CA GLY A 285 8.62 -19.18 18.27
C GLY A 285 8.24 -19.91 19.57
N GLY A 286 7.15 -19.49 20.19
CA GLY A 286 6.72 -20.15 21.41
C GLY A 286 6.66 -21.66 21.27
N ILE A 287 6.09 -22.15 20.18
CA ILE A 287 6.00 -23.59 19.92
C ILE A 287 7.25 -24.24 19.28
N THR A 288 7.88 -23.59 18.31
CA THR A 288 8.99 -24.22 17.58
C THR A 288 10.23 -24.37 18.46
N GLN A 289 10.33 -23.55 19.49
CA GLN A 289 11.44 -23.68 20.43
C GLN A 289 11.16 -24.82 21.41
N PHE A 290 9.90 -25.24 21.49
CA PHE A 290 9.54 -26.32 22.41
C PHE A 290 9.80 -27.74 21.90
N ALA A 291 9.51 -27.98 20.62
CA ALA A 291 9.65 -29.32 20.04
C ALA A 291 9.80 -29.25 18.53
N ALA A 292 10.28 -30.34 17.93
CA ALA A 292 10.48 -30.41 16.50
C ALA A 292 9.13 -30.53 15.79
N PRO A 293 9.07 -30.08 14.52
CA PRO A 293 7.80 -30.02 13.77
C PRO A 293 6.97 -31.32 13.78
N ASP A 294 7.60 -32.47 13.57
CA ASP A 294 6.86 -33.73 13.49
C ASP A 294 6.25 -34.10 14.85
N THR A 295 7.00 -33.78 15.91
CA THR A 295 6.56 -34.03 17.27
C THR A 295 5.36 -33.15 17.61
N VAL A 296 5.40 -31.92 17.13
CA VAL A 296 4.36 -30.96 17.42
C VAL A 296 3.02 -31.37 16.80
N VAL A 297 3.01 -31.76 15.53
CA VAL A 297 1.73 -32.09 14.92
C VAL A 297 1.10 -33.34 15.55
N VAL A 298 1.91 -34.33 15.88
CA VAL A 298 1.36 -35.57 16.42
C VAL A 298 0.84 -35.34 17.84
N GLN A 299 1.60 -34.58 18.62
CA GLN A 299 1.18 -34.29 19.98
C GLN A 299 -0.01 -33.32 20.04
N ALA A 300 -0.10 -32.40 19.09
CA ALA A 300 -1.22 -31.47 19.06
C ALA A 300 -2.50 -32.25 18.83
N ILE A 301 -2.46 -33.15 17.85
CA ILE A 301 -3.62 -33.99 17.58
C ILE A 301 -3.99 -34.81 18.81
N ALA A 302 -3.02 -35.52 19.36
CA ALA A 302 -3.26 -36.34 20.54
C ALA A 302 -3.83 -35.52 21.70
N ALA A 303 -3.44 -34.25 21.81
CA ALA A 303 -3.93 -33.42 22.89
C ALA A 303 -5.39 -33.03 22.63
N GLY A 304 -5.85 -33.26 21.40
CA GLY A 304 -7.19 -32.92 20.96
C GLY A 304 -7.44 -31.80 19.97
N ALA A 305 -6.40 -31.27 19.33
CA ALA A 305 -6.60 -30.30 18.24
C ALA A 305 -7.26 -30.92 16.99
N ASP A 306 -8.28 -30.24 16.44
CA ASP A 306 -8.86 -30.57 15.14
C ASP A 306 -8.13 -30.00 13.91
N ILE A 307 -7.53 -28.84 14.10
CA ILE A 307 -6.93 -28.11 13.01
C ILE A 307 -5.51 -27.73 13.34
N LEU A 308 -4.57 -28.16 12.49
CA LEU A 308 -3.18 -27.78 12.63
C LEU A 308 -2.97 -26.55 11.77
N LEU A 309 -2.74 -25.41 12.41
CA LEU A 309 -2.65 -24.14 11.69
C LEU A 309 -1.21 -23.81 11.34
N PRO A 311 1.48 -25.55 9.86
CA PRO A 311 2.64 -26.38 10.24
C PRO A 311 3.86 -25.92 9.48
N PRO A 312 5.03 -25.86 10.15
CA PRO A 312 6.26 -25.50 9.42
C PRO A 312 6.56 -26.46 8.26
N ASP A 313 6.26 -27.74 8.39
CA ASP A 313 6.44 -28.65 7.26
C ASP A 313 5.20 -29.49 7.00
N VAL A 314 4.48 -29.16 5.94
CA VAL A 314 3.17 -29.73 5.70
C VAL A 314 3.32 -31.15 5.14
N ASP A 315 4.29 -31.33 4.23
CA ASP A 315 4.46 -32.62 3.60
C ASP A 315 4.96 -33.61 4.63
N GLY A 316 5.89 -33.17 5.48
CA GLY A 316 6.37 -34.01 6.55
C GLY A 316 5.30 -34.32 7.60
N ALA A 317 4.42 -33.35 7.89
CA ALA A 317 3.36 -33.55 8.88
C ALA A 317 2.45 -34.71 8.48
N ILE A 318 2.01 -34.69 7.23
CA ILE A 318 1.11 -35.74 6.75
C ILE A 318 1.76 -37.12 6.90
N ILE A 319 3.01 -37.23 6.48
CA ILE A 319 3.73 -38.47 6.62
C ILE A 319 3.96 -38.85 8.08
N ALA A 320 4.23 -37.85 8.93
CA ALA A 320 4.48 -38.15 10.33
C ALA A 320 3.22 -38.64 11.01
N ILE A 321 2.06 -38.12 10.58
CA ILE A 321 0.78 -38.58 11.10
C ILE A 321 0.44 -40.00 10.62
N GLU A 322 0.67 -40.27 9.32
CA GLU A 322 0.51 -41.63 8.81
C GLU A 322 1.38 -42.60 9.59
N THR A 323 2.61 -42.17 9.89
CA THR A 323 3.54 -43.02 10.61
C THR A 323 3.03 -43.31 12.03
N ALA A 324 2.55 -42.27 12.70
CA ALA A 324 2.03 -42.40 14.06
C ALA A 324 0.87 -43.40 14.11
N ILE A 325 0.03 -43.36 13.08
CA ILE A 325 -1.06 -44.31 12.97
C ILE A 325 -0.56 -45.75 12.81
N LYS A 326 0.46 -45.93 11.96
CA LYS A 326 0.98 -47.28 11.72
C LYS A 326 1.68 -47.86 12.96
N THR A 327 2.22 -47.00 13.81
CA THR A 327 2.88 -47.50 15.03
C THR A 327 1.95 -47.60 16.23
N GLY A 328 0.72 -47.10 16.09
CA GLY A 328 -0.24 -47.18 17.17
C GLY A 328 -0.25 -45.94 18.06
N GLN A 329 0.66 -45.01 17.75
CA GLN A 329 0.77 -43.78 18.52
C GLN A 329 -0.48 -42.91 18.35
N LEU A 330 -1.05 -42.93 17.15
CA LEU A 330 -2.34 -42.32 16.88
C LEU A 330 -3.25 -43.37 16.26
N SER A 331 -4.55 -43.21 16.41
CA SER A 331 -5.49 -44.12 15.76
C SER A 331 -6.14 -43.47 14.55
N GLU A 332 -6.43 -44.28 13.54
CA GLU A 332 -7.18 -43.81 12.39
C GLU A 332 -8.52 -43.22 12.80
N SER A 333 -9.19 -43.83 13.78
CA SER A 333 -10.49 -43.33 14.18
C SER A 333 -10.40 -41.92 14.79
N ARG A 334 -9.27 -41.63 15.44
CA ARG A 334 -9.05 -40.29 16.02
C ARG A 334 -9.05 -39.22 14.96
N ILE A 335 -8.43 -39.52 13.83
CA ILE A 335 -8.38 -38.57 12.72
C ILE A 335 -9.79 -38.26 12.23
N TYR A 336 -10.62 -39.31 12.10
CA TYR A 336 -11.96 -39.14 11.55
C TYR A 336 -12.93 -38.43 12.51
N GLU A 337 -12.59 -38.40 13.79
CA GLU A 337 -13.32 -37.58 14.75
C GLU A 337 -13.11 -36.08 14.44
N SER A 338 -11.90 -35.68 14.10
CA SER A 338 -11.69 -34.30 13.71
C SER A 338 -12.37 -33.98 12.37
N VAL A 339 -12.31 -34.93 11.44
CA VAL A 339 -12.93 -34.72 10.13
C VAL A 339 -14.44 -34.54 10.26
N GLU A 340 -15.05 -35.25 11.21
CA GLU A 340 -16.48 -35.10 11.46
C GLU A 340 -16.80 -33.68 11.90
N ARG A 341 -16.00 -33.16 12.82
CA ARG A 341 -16.15 -31.79 13.29
C ARG A 341 -15.93 -30.77 12.17
N ILE A 342 -14.92 -31.01 11.35
CA ILE A 342 -14.64 -30.14 10.21
C ILE A 342 -15.83 -30.16 9.23
N TRP A 343 -16.41 -31.34 9.02
CA TRP A 343 -17.60 -31.46 8.19
C TRP A 343 -18.78 -30.61 8.69
N GLN A 344 -19.00 -30.57 10.00
CA GLN A 344 -20.09 -29.78 10.56
C GLN A 344 -19.86 -28.30 10.26
N ALA A 345 -18.61 -27.88 10.43
CA ALA A 345 -18.22 -26.50 10.18
C ALA A 345 -18.40 -26.15 8.70
N LYS A 346 -17.89 -27.01 7.82
CA LYS A 346 -17.99 -26.74 6.39
C LYS A 346 -19.46 -26.78 5.94
N GLN A 347 -20.26 -27.58 6.60
CA GLN A 347 -21.68 -27.64 6.27
C GLN A 347 -22.33 -26.28 6.51
N LYS A 348 -21.95 -25.65 7.62
CA LYS A 348 -22.48 -24.35 7.97
C LYS A 348 -22.11 -23.26 6.94
N ILE A 349 -20.89 -23.30 6.41
CA ILE A 349 -20.47 -22.26 5.48
C ILE A 349 -20.90 -22.52 4.03
N LEU A 350 -21.30 -23.75 3.71
CA LEU A 350 -21.82 -24.04 2.39
C LEU A 350 -23.18 -23.38 2.26
N THR A 351 -23.77 -23.08 3.41
CA THR A 351 -25.14 -22.61 3.53
C THR A 351 -25.35 -21.25 2.86
N ALA A 352 -24.26 -20.50 2.71
CA ALA A 352 -24.35 -19.13 2.21
C ALA A 352 -24.74 -19.08 0.75
N THR A 353 -25.52 -18.06 0.43
CA THR A 353 -25.82 -17.72 -0.92
C THR A 353 -24.63 -16.90 -1.35
N PRO A 354 -24.20 -17.05 -2.61
CA PRO A 354 -22.91 -16.43 -2.92
C PRO A 354 -23.06 -14.92 -2.76
N SER A 355 -22.07 -14.24 -2.18
CA SER A 355 -22.01 -12.79 -2.27
C SER A 355 -20.72 -12.48 -3.01
N THR A 356 -20.70 -11.44 -3.85
CA THR A 356 -19.53 -11.21 -4.68
C THR A 356 -19.07 -9.76 -4.78
N PHE A 357 -17.77 -9.58 -4.51
CA PHE A 357 -17.13 -8.30 -4.49
C PHE A 357 -17.42 -7.53 -5.76
N PRO A 358 -17.62 -6.20 -5.68
CA PRO A 358 -17.72 -5.21 -4.60
C PRO A 358 -19.00 -5.32 -3.75
N GLN A 359 -19.99 -6.08 -4.22
CA GLN A 359 -21.25 -6.24 -3.46
C GLN A 359 -21.00 -6.90 -2.12
N GLY A 360 -21.48 -6.24 -1.06
CA GLY A 360 -21.31 -6.74 0.29
C GLY A 360 -20.25 -5.96 1.03
N ILE A 361 -19.56 -5.06 0.34
CA ILE A 361 -18.58 -4.20 0.98
C ILE A 361 -19.24 -2.86 1.33
N SER A 362 -19.05 -2.40 2.57
CA SER A 362 -19.74 -1.19 3.01
C SER A 362 -19.31 0.04 2.24
N GLY A 363 -18.01 0.19 2.02
CA GLY A 363 -17.52 1.34 1.29
C GLY A 363 -17.91 2.66 1.95
N ASP A 364 -18.56 3.53 1.19
CA ASP A 364 -18.91 4.88 1.65
C ASP A 364 -20.23 4.91 2.41
N ARG A 365 -20.84 3.74 2.61
N ARG A 365 -20.83 3.74 2.64
CA ARG A 365 -22.16 3.67 3.24
CA ARG A 365 -22.14 3.63 3.28
C ARG A 365 -22.17 4.45 4.54
C ARG A 365 -22.17 4.44 4.57
N PRO A 366 -23.04 5.46 4.63
CA PRO A 366 -23.06 6.41 5.76
C PRO A 366 -23.18 5.75 7.13
N GLU A 367 -24.07 4.78 7.26
CA GLU A 367 -24.25 4.05 8.50
C GLU A 367 -22.94 3.43 8.99
N THR A 368 -22.19 2.81 8.09
CA THR A 368 -20.93 2.19 8.46
C THR A 368 -19.86 3.23 8.84
N ARG A 369 -19.67 4.23 7.98
CA ARG A 369 -18.72 5.31 8.26
C ARG A 369 -19.04 6.03 9.58
N LYS A 370 -20.32 6.23 9.87
CA LYS A 370 -20.74 6.85 11.13
C LYS A 370 -20.45 5.96 12.34
N THR A 371 -20.62 4.65 12.16
CA THR A 371 -20.30 3.71 13.23
C THR A 371 -18.81 3.85 13.60
N VAL A 372 -17.94 3.79 12.60
CA VAL A 372 -16.50 3.93 12.81
C VAL A 372 -16.18 5.25 13.53
N ALA A 373 -16.69 6.35 13.00
CA ALA A 373 -16.51 7.68 13.61
C ALA A 373 -16.98 7.76 15.06
N VAL A 375 -17.39 5.32 17.31
CA VAL A 375 -16.56 4.52 18.20
C VAL A 375 -15.27 5.29 18.56
N LEU A 376 -14.60 5.84 17.54
CA LEU A 376 -13.39 6.62 17.75
C LEU A 376 -13.66 7.77 18.70
N GLU A 377 -14.74 8.48 18.43
CA GLU A 377 -15.07 9.68 19.20
C GLU A 377 -15.40 9.39 20.66
N ARG A 378 -16.18 8.35 20.91
CA ARG A 378 -16.56 8.04 22.28
C ARG A 378 -15.43 7.42 23.10
N ALA A 379 -14.42 6.86 22.42
CA ALA A 379 -13.28 6.25 23.11
C ALA A 379 -12.06 7.17 23.22
N THR A 380 -12.15 8.36 22.64
CA THR A 380 -11.05 9.31 22.71
C THR A 380 -10.79 9.77 24.15
N LYS A 381 -9.53 10.08 24.45
CA LYS A 381 -9.16 10.70 25.72
C LYS A 381 -8.29 11.94 25.48
N HIS A 382 -8.36 12.92 26.37
N HIS A 382 -8.33 12.90 26.39
CA HIS A 382 -7.42 14.03 26.31
CA HIS A 382 -7.48 14.07 26.31
C HIS A 382 -7.25 14.71 27.67
C HIS A 382 -7.24 14.69 27.68
N GLN A 383 -6.09 15.36 27.84
CA GLN A 383 -5.79 16.05 29.09
C GLN A 383 -6.92 17.04 29.33
N LYS A 384 -7.38 17.18 30.57
CA LYS A 384 -8.48 18.11 30.73
C LYS A 384 -7.89 19.47 31.05
N SER A 385 -7.92 20.31 30.02
CA SER A 385 -7.43 21.67 30.05
C SER A 385 -8.06 22.36 28.83
N LEU A 386 -8.09 23.68 28.82
CA LEU A 386 -8.62 24.37 27.65
C LEU A 386 -7.61 24.59 26.52
N VAL A 387 -6.31 24.48 26.84
CA VAL A 387 -5.28 24.88 25.89
C VAL A 387 -5.36 24.16 24.52
N LYS A 388 -5.08 24.91 23.46
CA LYS A 388 -5.07 24.37 22.10
C LYS A 388 -3.69 24.56 21.51
N ILE A 389 -3.39 23.76 20.50
CA ILE A 389 -2.13 23.90 19.77
C ILE A 389 -2.19 25.20 18.99
N SER A 390 -1.08 25.92 18.94
CA SER A 390 -1.02 27.18 18.21
C SER A 390 -0.89 26.98 16.70
N SER A 391 -1.52 27.87 15.94
CA SER A 391 -1.23 28.01 14.51
C SER A 391 0.01 28.86 14.34
N PHE A 392 0.73 28.61 13.26
CA PHE A 392 1.95 29.35 12.95
C PHE A 392 2.01 29.65 11.46
N PRO A 393 2.87 30.60 11.06
CA PRO A 393 3.04 30.87 9.64
C PRO A 393 3.58 29.62 8.93
N ASP A 394 3.44 29.53 7.60
CA ASP A 394 3.85 28.35 6.86
C ASP A 394 5.28 27.92 7.17
N ASN A 395 5.45 26.63 7.42
CA ASN A 395 6.75 26.00 7.63
C ASN A 395 7.55 26.60 8.78
N PHE A 396 6.86 27.26 9.70
CA PHE A 396 7.50 27.78 10.89
C PHE A 396 7.68 26.66 11.89
N ALA A 397 6.70 25.78 11.98
CA ALA A 397 6.72 24.73 13.00
C ALA A 397 7.01 23.33 12.46
N ARG A 398 7.09 22.36 13.37
N ARG A 398 7.10 22.36 13.36
CA ARG A 398 7.43 20.99 12.98
CA ARG A 398 7.44 20.99 12.98
C ARG A 398 6.38 20.00 13.44
C ARG A 398 6.38 20.00 13.44
N ASN A 399 5.92 19.15 12.53
CA ASN A 399 4.98 18.11 12.90
C ASN A 399 5.78 16.84 12.84
N LEU A 400 6.11 16.31 14.02
CA LEU A 400 7.00 15.16 14.11
C LEU A 400 6.18 13.89 14.28
N ILE A 401 6.18 13.04 13.27
CA ILE A 401 5.41 11.81 13.31
C ILE A 401 6.31 10.62 13.66
N VAL A 402 5.98 9.93 14.74
CA VAL A 402 6.80 8.84 15.28
C VAL A 402 6.02 7.54 15.21
N VAL A 403 6.61 6.52 14.57
CA VAL A 403 5.94 5.22 14.47
C VAL A 403 6.82 4.09 14.99
N ASP A 404 6.19 2.94 15.27
CA ASP A 404 6.91 1.72 15.66
C ASP A 404 7.83 1.33 14.48
N SER A 405 7.24 1.12 13.31
CA SER A 405 7.98 0.78 12.09
C SER A 405 7.38 1.43 10.83
N VAL A 406 8.19 2.05 10.02
CA VAL A 406 7.70 2.63 8.81
C VAL A 406 7.12 1.60 7.83
N LEU A 407 7.70 0.43 7.79
CA LEU A 407 7.25 -0.65 6.95
C LEU A 407 5.86 -1.11 7.29
N LYS A 408 5.53 -1.01 8.56
CA LYS A 408 4.26 -1.44 9.07
C LYS A 408 3.33 -0.30 9.45
N SER A 409 3.39 0.81 8.75
CA SER A 409 2.50 1.91 9.01
C SER A 409 1.71 2.24 7.78
N PRO A 410 0.77 1.38 7.43
CA PRO A 410 -0.07 1.55 6.26
C PRO A 410 -0.97 2.78 6.37
N PHE A 411 -1.29 3.17 7.58
CA PHE A 411 -2.11 4.34 7.84
C PHE A 411 -1.42 5.67 7.47
N LEU A 412 -0.12 5.62 7.22
CA LEU A 412 0.59 6.81 6.73
C LEU A 412 0.61 6.78 5.22
N ARG A 413 -0.08 7.70 4.60
CA ARG A 413 -0.18 7.76 3.16
C ARG A 413 -0.04 9.19 2.74
N PRO A 414 0.24 9.42 1.47
CA PRO A 414 0.41 10.81 1.03
C PRO A 414 -0.82 11.62 1.42
N ASN A 415 -0.59 12.77 2.04
CA ASN A 415 -1.69 13.68 2.33
C ASN A 415 -2.73 13.13 3.31
N CYS A 416 -2.34 12.16 4.15
CA CYS A 416 -3.22 11.70 5.22
C CYS A 416 -3.47 12.82 6.21
N PRO A 417 -4.61 12.79 6.92
CA PRO A 417 -4.96 13.92 7.77
C PRO A 417 -3.92 14.25 8.86
N ALA A 418 -3.25 13.28 9.45
CA ALA A 418 -2.25 13.59 10.48
C ALA A 418 -1.11 14.47 9.91
N ILE A 419 -0.98 14.46 8.59
CA ILE A 419 -0.01 15.28 7.87
C ILE A 419 -0.62 16.57 7.33
N ALA A 420 -1.64 16.42 6.50
CA ALA A 420 -2.30 17.53 5.83
C ALA A 420 -2.86 18.59 6.77
N ILE A 421 -3.49 18.19 7.87
CA ILE A 421 -4.13 19.18 8.74
C ILE A 421 -3.12 20.11 9.46
N PRO A 422 -2.10 19.53 10.14
CA PRO A 422 -1.14 20.43 10.80
C PRO A 422 -0.40 21.31 9.78
N GLN A 423 -0.18 20.77 8.59
CA GLN A 423 0.43 21.49 7.49
C GLN A 423 -0.31 22.80 7.22
N ARG A 424 -1.64 22.78 7.39
CA ARG A 424 -2.44 23.97 7.16
C ARG A 424 -2.37 24.94 8.34
N HIS A 425 -1.80 24.49 9.44
CA HIS A 425 -1.51 25.34 10.60
C HIS A 425 -0.06 25.83 10.77
N GLY A 426 0.79 25.49 9.83
CA GLY A 426 2.18 25.93 9.88
C GLY A 426 3.18 24.86 10.31
N TYR A 427 2.73 23.62 10.47
CA TYR A 427 3.61 22.54 10.91
C TYR A 427 4.05 21.63 9.76
N ALA A 428 5.35 21.63 9.45
CA ALA A 428 5.86 20.81 8.37
C ALA A 428 6.20 19.40 8.87
N ALA A 429 5.84 18.40 8.08
CA ALA A 429 5.92 17.01 8.53
C ALA A 429 7.33 16.46 8.48
N GLU A 430 7.65 15.66 9.49
CA GLU A 430 8.86 14.86 9.51
C GLU A 430 8.49 13.51 10.11
N ILE A 431 8.85 12.42 9.42
CA ILE A 431 8.52 11.09 9.89
C ILE A 431 9.74 10.29 10.36
N VAL A 432 9.71 9.79 11.59
CA VAL A 432 10.78 8.92 12.08
C VAL A 432 10.27 7.72 12.86
N GLU A 433 11.13 6.74 13.00
CA GLU A 433 10.83 5.59 13.85
C GLU A 433 11.29 5.89 15.26
N LEU A 434 10.52 5.40 16.23
CA LEU A 434 10.84 5.64 17.63
C LEU A 434 12.29 5.34 18.02
N LYS A 435 12.85 4.24 17.52
CA LYS A 435 14.23 3.86 17.85
C LYS A 435 15.25 4.88 17.34
N THR A 436 14.89 5.63 16.32
CA THR A 436 15.75 6.67 15.77
C THR A 436 15.69 7.96 16.58
N LEU A 437 14.52 8.25 17.10
CA LEU A 437 14.24 9.54 17.74
C LEU A 437 15.28 10.01 18.78
N PRO A 438 15.75 9.10 19.66
CA PRO A 438 16.72 9.52 20.69
C PRO A 438 18.00 10.15 20.13
N ARG A 439 18.40 9.73 18.92
N ARG A 439 18.40 9.72 18.93
CA ARG A 439 19.63 10.19 18.30
CA ARG A 439 19.65 10.19 18.33
C ARG A 439 19.43 11.38 17.38
C ARG A 439 19.43 11.36 17.38
N LEU A 440 18.18 11.78 17.23
CA LEU A 440 17.85 12.86 16.30
C LEU A 440 18.02 14.20 17.00
N GLN A 441 18.77 15.11 16.38
N GLN A 441 18.76 15.12 16.38
CA GLN A 441 18.90 16.44 16.97
CA GLN A 441 18.90 16.46 16.93
C GLN A 441 17.83 17.34 16.36
C GLN A 441 17.80 17.33 16.34
N LEU A 442 16.83 17.68 17.16
CA LEU A 442 15.69 18.46 16.70
C LEU A 442 16.03 19.93 16.74
N GLU A 443 15.67 20.62 15.66
CA GLU A 443 15.86 22.06 15.59
C GLU A 443 14.91 22.60 16.63
N ALA A 444 15.18 23.75 17.23
CA ALA A 444 14.24 24.14 18.26
C ALA A 444 13.30 25.18 17.67
N ILE A 445 12.12 24.68 17.35
CA ILE A 445 11.03 25.44 16.78
C ILE A 445 9.81 24.73 17.35
N PRO A 446 8.67 25.44 17.43
CA PRO A 446 7.50 24.76 17.99
C PRO A 446 7.25 23.44 17.28
N THR A 447 7.04 22.39 18.06
CA THR A 447 6.93 21.04 17.52
C THR A 447 5.72 20.34 18.10
N LEU A 448 4.97 19.68 17.22
CA LEU A 448 3.89 18.81 17.64
C LEU A 448 4.39 17.40 17.42
N ILE A 449 4.19 16.50 18.38
CA ILE A 449 4.64 15.12 18.21
C ILE A 449 3.45 14.17 18.19
N GLN A 450 3.33 13.40 17.12
CA GLN A 450 2.26 12.41 17.01
C GLN A 450 2.90 11.03 16.98
N CYS A 451 2.59 10.23 18.00
CA CYS A 451 3.10 8.87 18.13
C CYS A 451 2.04 7.84 17.77
N PHE A 452 2.34 7.02 16.76
CA PHE A 452 1.47 5.88 16.49
C PHE A 452 2.18 4.65 17.04
N LEU A 453 1.70 4.16 18.18
CA LEU A 453 2.40 3.10 18.90
C LEU A 453 1.35 2.18 19.51
N ARG A 454 1.52 0.88 19.31
CA ARG A 454 0.57 -0.09 19.82
C ARG A 454 1.19 -1.47 19.91
N GLY A 455 0.53 -2.36 20.65
CA GLY A 455 0.93 -3.76 20.69
C GLY A 455 0.47 -4.47 19.44
N ASN A 456 1.01 -5.66 19.21
CA ASN A 456 0.72 -6.46 18.02
C ASN A 456 1.62 -7.68 18.01
N PRO A 457 1.28 -8.68 17.18
CA PRO A 457 2.14 -9.84 16.94
C PRO A 457 3.56 -9.39 16.60
N PHE A 458 4.58 -10.10 17.07
CA PHE A 458 5.98 -9.73 16.88
C PHE A 458 6.37 -8.39 17.50
N THR A 459 6.00 -8.19 18.75
CA THR A 459 6.46 -7.06 19.52
C THR A 459 7.10 -7.60 20.79
N GLU A 460 8.40 -7.39 20.96
CA GLU A 460 9.09 -7.89 22.14
C GLU A 460 8.65 -7.14 23.41
N LYS A 461 8.51 -5.83 23.28
CA LYS A 461 7.99 -5.01 24.37
C LYS A 461 7.31 -3.78 23.82
N LEU A 462 6.35 -3.27 24.57
CA LEU A 462 5.66 -2.06 24.17
C LEU A 462 6.64 -0.89 24.12
N ALA A 463 6.53 -0.08 23.07
CA ALA A 463 7.28 1.16 22.96
C ALA A 463 7.03 2.04 24.19
N ASP A 464 8.10 2.60 24.74
CA ASP A 464 8.01 3.52 25.88
C ASP A 464 8.66 4.86 25.54
N PRO A 465 7.86 5.80 25.01
CA PRO A 465 8.25 7.13 24.53
C PRO A 465 8.61 8.13 25.63
N ILE A 466 8.21 7.85 26.87
CA ILE A 466 8.24 8.90 27.91
C ILE A 466 9.61 9.55 28.12
N ASP A 467 10.63 8.72 28.31
CA ASP A 467 11.99 9.21 28.51
C ASP A 467 12.47 10.15 27.41
N VAL A 468 12.32 9.73 26.16
N VAL A 468 12.31 9.75 26.15
CA VAL A 468 12.71 10.55 25.02
CA VAL A 468 12.75 10.60 25.05
C VAL A 468 11.89 11.83 24.99
C VAL A 468 11.89 11.84 24.91
N LEU A 469 10.58 11.70 25.18
CA LEU A 469 9.68 12.85 25.14
C LEU A 469 10.13 13.89 26.18
N GLN A 470 10.44 13.40 27.37
CA GLN A 470 10.91 14.27 28.43
C GLN A 470 12.21 14.97 28.02
N LYS A 471 13.13 14.21 27.43
CA LYS A 471 14.39 14.79 27.01
C LYS A 471 14.16 15.88 25.95
N ILE A 472 13.28 15.60 25.00
CA ILE A 472 12.95 16.54 23.94
C ILE A 472 12.28 17.81 24.47
N ALA A 473 11.36 17.64 25.42
CA ALA A 473 10.67 18.78 26.01
C ALA A 473 11.65 19.78 26.59
N ALA A 474 12.77 19.28 27.10
CA ALA A 474 13.79 20.15 27.66
C ALA A 474 14.64 20.81 26.58
N GLN A 475 14.76 20.16 25.43
CA GLN A 475 15.56 20.69 24.31
C GLN A 475 14.85 21.74 23.44
N ILE A 476 13.56 21.55 23.19
CA ILE A 476 12.79 22.35 22.22
C ILE A 476 11.40 22.73 22.75
N PRO A 477 10.72 23.69 22.10
CA PRO A 477 9.35 24.06 22.50
C PRO A 477 8.29 23.05 22.05
N LEU A 478 8.09 22.01 22.85
CA LEU A 478 7.15 20.97 22.48
C LEU A 478 5.73 21.44 22.77
N GLN A 479 4.92 21.55 21.71
CA GLN A 479 3.59 22.16 21.82
C GLN A 479 2.52 21.20 22.34
N GLY A 480 2.62 19.93 21.97
CA GLY A 480 1.63 18.94 22.34
C GLY A 480 2.08 17.54 21.94
N VAL A 481 1.45 16.53 22.51
CA VAL A 481 1.75 15.15 22.14
C VAL A 481 0.42 14.44 21.84
N ILE A 482 0.38 13.71 20.73
CA ILE A 482 -0.76 12.85 20.38
C ILE A 482 -0.34 11.38 20.39
N PHE A 483 -1.15 10.53 21.02
CA PHE A 483 -0.94 9.07 20.93
C PHE A 483 -2.08 8.46 20.11
N TYR A 484 -1.74 7.62 19.15
CA TYR A 484 -2.72 6.77 18.47
C TYR A 484 -2.36 5.31 18.73
N GLY A 485 -3.28 4.55 19.30
CA GLY A 485 -3.06 3.15 19.59
C GLY A 485 -3.19 2.81 21.06
N SER A 486 -2.08 2.44 21.66
CA SER A 486 -2.06 2.03 23.06
C SER A 486 -2.17 3.18 24.04
N PRO A 487 -3.02 3.02 25.03
CA PRO A 487 -3.26 4.05 26.04
C PRO A 487 -2.38 3.97 27.26
N TYR A 488 -1.55 2.95 27.37
CA TYR A 488 -0.93 2.61 28.63
C TYR A 488 0.17 3.53 29.13
N PHE A 489 0.67 4.41 28.30
CA PHE A 489 1.64 5.37 28.79
C PHE A 489 1.12 6.78 29.08
N LEU A 490 -0.18 6.98 28.98
CA LEU A 490 -0.82 8.27 29.23
C LEU A 490 -0.64 8.74 30.66
N GLU A 491 -0.86 7.84 31.60
CA GLU A 491 -0.66 8.15 33.01
C GLU A 491 0.74 8.71 33.26
N ALA A 492 1.75 8.05 32.70
CA ALA A 492 3.14 8.48 32.89
C ALA A 492 3.42 9.80 32.16
N LEU A 493 2.84 9.96 30.97
CA LEU A 493 2.92 11.23 30.26
C LEU A 493 2.37 12.39 31.10
N GLN A 494 1.17 12.21 31.62
CA GLN A 494 0.53 13.23 32.42
C GLN A 494 1.32 13.54 33.70
N THR A 495 1.94 12.52 34.27
CA THR A 495 2.67 12.67 35.52
C THR A 495 4.03 13.32 35.31
N THR A 496 4.69 12.96 34.20
CA THR A 496 6.02 13.46 33.88
C THR A 496 6.02 14.84 33.21
N LEU A 497 5.04 15.08 32.35
CA LEU A 497 4.99 16.33 31.61
C LEU A 497 3.60 16.96 31.66
N PRO A 498 3.12 17.27 32.87
CA PRO A 498 1.75 17.77 33.01
C PRO A 498 1.51 19.10 32.29
N GLU A 499 2.60 19.83 32.05
N GLU A 499 2.57 19.86 32.04
CA GLU A 499 2.54 21.13 31.40
CA GLU A 499 2.39 21.16 31.39
C GLU A 499 2.29 21.02 29.89
C GLU A 499 2.28 21.03 29.87
N ILE A 500 2.41 19.81 29.36
CA ILE A 500 2.27 19.57 27.93
C ILE A 500 0.94 18.91 27.61
N PRO A 501 0.12 19.56 26.77
CA PRO A 501 -1.19 18.96 26.49
C PRO A 501 -1.06 17.70 25.66
N TRP A 502 -2.01 16.77 25.82
CA TRP A 502 -1.99 15.52 25.08
C TRP A 502 -3.39 15.12 24.65
N TRP A 503 -3.44 14.37 23.55
CA TRP A 503 -4.68 13.82 23.01
C TRP A 503 -4.42 12.36 22.67
N PHE A 504 -5.47 11.56 22.71
CA PHE A 504 -5.33 10.14 22.50
C PHE A 504 -6.51 9.57 21.72
N SER A 505 -6.20 8.68 20.81
CA SER A 505 -7.21 7.86 20.12
C SER A 505 -6.73 6.43 19.99
N TYR A 506 -7.66 5.48 20.06
CA TYR A 506 -7.32 4.09 19.82
C TYR A 506 -7.02 3.79 18.36
N GLY A 507 -7.60 4.56 17.44
CA GLY A 507 -7.43 4.29 16.01
C GLY A 507 -6.22 4.96 15.42
N GLN A 508 -5.58 4.31 14.45
CA GLN A 508 -4.51 4.93 13.67
C GLN A 508 -4.87 5.38 12.25
N ALA A 510 -6.94 7.03 8.79
CA ALA A 510 -7.17 8.42 8.38
C ALA A 510 -8.30 9.12 9.18
N ILE A 511 -9.46 8.48 9.30
CA ILE A 511 -10.57 9.13 9.99
C ILE A 511 -10.22 9.40 11.46
N ALA A 512 -9.41 8.53 12.07
CA ALA A 512 -8.98 8.74 13.45
C ALA A 512 -8.03 9.95 13.55
N GLN A 513 -7.16 10.08 12.54
CA GLN A 513 -6.25 11.21 12.46
C GLN A 513 -7.02 12.52 12.29
N ALA A 514 -7.98 12.51 11.35
CA ALA A 514 -8.81 13.67 11.08
C ALA A 514 -9.57 14.15 12.32
N GLU A 515 -10.17 13.24 13.08
CA GLU A 515 -10.91 13.66 14.27
C GLU A 515 -10.01 14.33 15.30
N ILE A 516 -8.86 13.71 15.58
CA ILE A 516 -7.99 14.25 16.62
C ILE A 516 -7.40 15.57 16.15
N CYS A 517 -6.79 15.54 14.98
CA CYS A 517 -6.09 16.71 14.46
C CYS A 517 -6.99 17.92 14.28
N THR A 518 -8.22 17.71 13.82
CA THR A 518 -9.15 18.83 13.66
C THR A 518 -9.47 19.48 15.02
N SER A 519 -9.46 18.69 16.09
CA SER A 519 -9.81 19.21 17.41
C SER A 519 -8.66 19.98 18.07
N LEU A 520 -7.45 19.90 17.49
CA LEU A 520 -6.30 20.56 18.11
C LEU A 520 -6.28 22.09 17.99
N TRP A 521 -6.91 22.63 16.94
CA TRP A 521 -6.78 24.05 16.62
C TRP A 521 -8.07 24.84 16.74
N GLU A 522 -7.97 26.03 17.32
CA GLU A 522 -9.07 26.99 17.35
C GLU A 522 -9.24 27.65 15.98
N GLU A 523 -8.13 28.09 15.39
N GLU A 523 -8.12 28.07 15.39
CA GLU A 523 -8.18 28.81 14.13
CA GLU A 523 -8.10 28.78 14.11
C GLU A 523 -8.58 27.91 12.97
C GLU A 523 -8.61 27.89 12.98
N ALA A 524 -9.14 28.54 11.93
CA ALA A 524 -9.50 27.83 10.71
C ALA A 524 -8.23 27.60 9.90
N PRO A 525 -8.16 26.46 9.19
CA PRO A 525 -7.00 26.11 8.37
C PRO A 525 -6.60 27.19 7.36
N GLN A 526 -5.31 27.22 7.04
CA GLN A 526 -4.74 28.20 6.12
C GLN A 526 -4.43 27.55 4.76
N ALA A 527 -4.61 28.32 3.69
CA ALA A 527 -4.34 27.83 2.34
C ALA A 527 -5.04 26.50 2.07
N ALA A 531 -2.72 21.41 -0.28
CA ALA A 531 -1.45 21.13 -0.93
C ALA A 531 -1.59 21.06 -2.46
N ALA A 532 -0.62 21.64 -3.16
CA ALA A 532 -0.62 21.64 -4.62
C ALA A 532 -0.37 20.24 -5.20
N GLU A 533 0.20 19.33 -4.42
CA GLU A 533 0.61 18.03 -4.98
C GLU A 533 -0.57 17.14 -5.38
N PHE A 534 -0.62 16.76 -6.66
CA PHE A 534 -1.53 15.70 -7.12
C PHE A 534 -0.99 14.27 -7.39
N ILE A 535 0.32 14.06 -7.25
CA ILE A 535 0.95 12.80 -7.66
C ILE A 535 2.33 12.58 -7.03
N ALA B 7 -22.37 -0.44 -29.42
CA ALA B 7 -22.75 0.12 -30.71
C ALA B 7 -21.73 1.07 -31.31
N PRO B 8 -21.96 1.51 -32.55
CA PRO B 8 -21.02 2.48 -33.15
C PRO B 8 -21.18 3.87 -32.53
N LEU B 9 -20.16 4.70 -32.62
CA LEU B 9 -20.27 6.08 -32.16
C LEU B 9 -21.30 6.80 -33.01
N PRO B 10 -22.09 7.69 -32.39
CA PRO B 10 -23.07 8.49 -33.12
C PRO B 10 -22.34 9.53 -33.93
N PRO B 11 -23.00 10.15 -34.92
CA PRO B 11 -22.30 11.24 -35.62
C PRO B 11 -21.89 12.35 -34.65
N VAL B 12 -20.78 13.01 -34.96
CA VAL B 12 -20.28 14.09 -34.12
C VAL B 12 -21.30 15.21 -33.96
N GLU B 13 -22.00 15.53 -35.04
CA GLU B 13 -22.97 16.61 -35.11
C GLU B 13 -24.19 16.40 -34.21
N SER B 14 -24.35 15.20 -33.70
CA SER B 14 -25.53 14.87 -32.91
C SER B 14 -25.36 15.21 -31.43
N LEU B 15 -24.15 15.53 -31.00
CA LEU B 15 -23.95 16.00 -29.64
C LEU B 15 -24.45 17.44 -29.52
N SER B 16 -25.03 17.78 -28.39
CA SER B 16 -25.34 19.18 -28.08
C SER B 16 -24.01 19.90 -27.87
N LEU B 17 -24.02 21.22 -27.98
CA LEU B 17 -22.81 21.99 -27.76
C LEU B 17 -22.18 21.64 -26.42
N ARG B 18 -22.98 21.57 -25.36
CA ARG B 18 -22.41 21.23 -24.06
C ARG B 18 -21.78 19.82 -24.04
N GLN B 19 -22.38 18.87 -24.73
CA GLN B 19 -21.83 17.52 -24.80
C GLN B 19 -20.53 17.52 -25.60
N ALA B 20 -20.47 18.34 -26.65
CA ALA B 20 -19.25 18.46 -27.44
C ALA B 20 -18.12 19.02 -26.58
N ILE B 21 -18.40 20.07 -25.81
CA ILE B 21 -17.40 20.65 -24.92
C ILE B 21 -16.96 19.63 -23.88
N ALA B 22 -17.92 18.93 -23.29
CA ALA B 22 -17.60 17.94 -22.26
C ALA B 22 -16.61 16.88 -22.77
N GLN B 23 -16.77 16.47 -24.03
CA GLN B 23 -15.87 15.48 -24.63
C GLN B 23 -14.42 15.92 -24.59
N ILE B 25 -12.89 17.35 -22.19
CA ILE B 25 -12.38 17.42 -20.82
C ILE B 25 -12.07 16.04 -20.25
N VAL B 26 -10.91 15.92 -19.61
CA VAL B 26 -10.55 14.69 -18.91
C VAL B 26 -10.33 15.02 -17.43
N VAL B 27 -11.05 14.31 -16.57
CA VAL B 27 -11.05 14.65 -15.14
C VAL B 27 -10.32 13.60 -14.33
N ARG B 28 -9.80 14.02 -13.19
CA ARG B 28 -9.02 13.17 -12.33
C ARG B 28 -9.86 12.38 -11.33
N GLY B 29 -9.49 11.13 -11.12
CA GLY B 29 -10.11 10.28 -10.13
C GLY B 29 -9.07 9.34 -9.51
N ALA B 30 -9.44 8.70 -8.41
CA ALA B 30 -8.59 7.69 -7.76
C ALA B 30 -9.05 6.32 -8.23
N GLY B 31 -8.12 5.38 -8.33
CA GLY B 31 -8.48 4.02 -8.72
C GLY B 31 -9.19 3.27 -7.62
N TYR B 32 -9.02 3.71 -6.38
CA TYR B 32 -9.75 3.18 -5.23
C TYR B 32 -11.25 3.32 -5.45
N LEU B 33 -12.02 2.34 -5.00
CA LEU B 33 -13.48 2.38 -5.21
C LEU B 33 -14.21 3.46 -4.41
N PHE B 34 -13.73 3.79 -3.22
CA PHE B 34 -14.55 4.59 -2.31
C PHE B 34 -13.99 5.96 -2.00
N ASP B 35 -14.89 6.91 -1.75
CA ASP B 35 -14.51 8.31 -1.52
C ASP B 35 -13.55 8.45 -0.36
N TYR B 36 -13.82 7.75 0.75
CA TYR B 36 -12.99 7.94 1.95
C TYR B 36 -11.56 7.46 1.72
N GLU B 37 -11.29 6.79 0.61
CA GLU B 37 -9.94 6.29 0.34
C GLU B 37 -9.08 7.22 -0.48
N ARG B 38 -9.66 8.29 -1.01
CA ARG B 38 -8.92 9.18 -1.90
C ARG B 38 -7.78 9.85 -1.16
N PRO B 39 -6.55 9.70 -1.67
CA PRO B 39 -5.39 10.37 -1.05
C PRO B 39 -5.49 11.88 -1.24
N TYR B 40 -6.02 12.30 -2.39
CA TYR B 40 -6.06 13.71 -2.78
C TYR B 40 -7.48 14.19 -3.04
N PRO B 41 -8.31 14.27 -2.00
CA PRO B 41 -9.72 14.59 -2.22
C PRO B 41 -9.92 15.96 -2.84
N GLN B 42 -8.89 16.81 -2.77
N GLN B 42 -8.91 16.82 -2.77
CA GLN B 42 -8.95 18.15 -3.40
CA GLN B 42 -9.02 18.13 -3.40
C GLN B 42 -8.86 18.04 -4.92
C GLN B 42 -8.87 18.05 -4.93
N TRP B 43 -8.08 17.08 -5.42
CA TRP B 43 -8.00 16.83 -6.87
C TRP B 43 -8.78 15.63 -7.46
N GLU B 44 -9.34 14.78 -6.63
CA GLU B 44 -9.97 13.55 -7.13
C GLU B 44 -11.45 13.58 -6.83
N ALA B 45 -12.28 13.50 -7.87
CA ALA B 45 -13.73 13.68 -7.69
C ALA B 45 -14.34 12.51 -6.94
N ASP B 46 -15.29 12.79 -6.05
CA ASP B 46 -16.05 11.72 -5.38
C ASP B 46 -16.96 11.01 -6.39
N GLN B 47 -17.44 9.81 -6.03
N GLN B 47 -17.42 9.80 -6.04
CA GLN B 47 -18.24 9.01 -6.96
CA GLN B 47 -18.28 9.01 -6.93
C GLN B 47 -19.49 9.75 -7.48
C GLN B 47 -19.45 9.82 -7.49
N THR B 48 -20.12 10.56 -6.62
CA THR B 48 -21.31 11.31 -7.02
C THR B 48 -20.99 12.27 -8.16
N THR B 49 -19.91 13.03 -7.98
CA THR B 49 -19.49 13.99 -8.97
C THR B 49 -19.07 13.28 -10.27
N LEU B 50 -18.27 12.24 -10.14
CA LEU B 50 -17.86 11.48 -11.31
C LEU B 50 -19.06 10.98 -12.12
N GLN B 51 -20.07 10.45 -11.44
CA GLN B 51 -21.23 9.95 -12.16
C GLN B 51 -21.96 11.09 -12.87
N ARG B 52 -22.06 12.23 -12.20
CA ARG B 52 -22.72 13.39 -12.79
C ARG B 52 -22.01 13.85 -14.06
N TRP B 53 -20.70 14.04 -13.94
CA TRP B 53 -19.88 14.47 -15.06
C TRP B 53 -19.94 13.47 -16.21
N ILE B 54 -19.79 12.19 -15.88
CA ILE B 54 -19.82 11.15 -16.89
C ILE B 54 -21.18 11.05 -17.59
N GLU B 55 -22.26 11.09 -16.81
CA GLU B 55 -23.60 11.04 -17.39
C GLU B 55 -23.91 12.29 -18.22
N ALA B 56 -23.25 13.40 -17.89
CA ALA B 56 -23.40 14.63 -18.67
C ALA B 56 -22.48 14.65 -19.90
N GLY B 57 -21.65 13.62 -20.08
CA GLY B 57 -20.83 13.53 -21.28
C GLY B 57 -19.34 13.83 -21.26
N ILE B 58 -18.74 13.86 -20.07
CA ILE B 58 -17.31 14.07 -19.98
C ILE B 58 -16.53 13.06 -20.86
N GLY B 59 -15.45 13.52 -21.47
CA GLY B 59 -14.75 12.73 -22.48
C GLY B 59 -13.88 11.61 -21.92
N GLY B 60 -13.32 11.81 -20.73
CA GLY B 60 -12.45 10.80 -20.16
C GLY B 60 -12.05 11.03 -18.72
N VAL B 61 -11.43 10.01 -18.14
CA VAL B 61 -10.97 10.05 -16.76
C VAL B 61 -9.51 9.61 -16.70
N ILE B 62 -8.70 10.32 -15.92
CA ILE B 62 -7.32 9.88 -15.67
C ILE B 62 -7.28 9.39 -14.22
N LEU B 63 -6.64 8.24 -14.01
CA LEU B 63 -6.68 7.59 -12.71
C LEU B 63 -5.30 7.50 -12.07
N LEU B 64 -5.27 7.66 -10.76
CA LEU B 64 -4.08 7.44 -9.97
C LEU B 64 -4.43 6.63 -8.72
N GLY B 65 -3.53 5.74 -8.33
CA GLY B 65 -3.68 4.93 -7.12
C GLY B 65 -4.64 3.75 -7.26
N GLY B 66 -4.51 2.81 -6.33
CA GLY B 66 -5.29 1.59 -6.34
C GLY B 66 -4.50 0.39 -6.85
N SER B 67 -4.85 -0.80 -6.38
CA SER B 67 -4.29 -2.04 -6.90
C SER B 67 -4.85 -2.28 -8.29
N ALA B 68 -4.13 -3.03 -9.11
CA ALA B 68 -4.62 -3.37 -10.44
C ALA B 68 -6.05 -3.95 -10.35
N ALA B 69 -6.28 -4.80 -9.35
CA ALA B 69 -7.60 -5.41 -9.20
C ALA B 69 -8.70 -4.39 -8.89
N GLU B 70 -8.33 -3.30 -8.20
CA GLU B 70 -9.29 -2.24 -7.85
C GLU B 70 -9.63 -1.43 -9.11
N VAL B 71 -8.59 -1.05 -9.83
CA VAL B 71 -8.72 -0.28 -11.06
C VAL B 71 -9.64 -0.96 -12.06
N ALA B 72 -9.58 -2.29 -12.13
CA ALA B 72 -10.43 -3.05 -13.04
C ALA B 72 -11.92 -2.94 -12.69
N GLN B 73 -12.23 -2.94 -11.39
CA GLN B 73 -13.59 -2.60 -10.95
C GLN B 73 -13.94 -1.14 -11.24
N LYS B 74 -13.03 -0.22 -10.93
CA LYS B 74 -13.26 1.21 -11.15
C LYS B 74 -13.66 1.52 -12.60
N THR B 75 -12.82 1.10 -13.55
CA THR B 75 -13.10 1.42 -14.96
C THR B 75 -14.41 0.77 -15.42
N LYS B 76 -14.76 -0.38 -14.87
CA LYS B 76 -16.01 -1.02 -15.25
C LYS B 76 -17.16 -0.11 -14.80
N GLN B 77 -17.03 0.40 -13.59
CA GLN B 77 -18.06 1.26 -13.04
C GLN B 77 -18.14 2.56 -13.84
N LEU B 78 -16.98 3.13 -14.19
CA LEU B 78 -16.99 4.41 -14.88
C LEU B 78 -17.63 4.27 -16.26
N GLN B 79 -17.26 3.23 -17.00
CA GLN B 79 -17.83 3.02 -18.32
C GLN B 79 -19.33 2.76 -18.28
N SER B 80 -19.81 2.15 -17.20
CA SER B 80 -21.24 1.82 -17.10
C SER B 80 -22.09 3.08 -17.08
N TRP B 81 -21.50 4.20 -16.71
CA TRP B 81 -22.23 5.46 -16.61
C TRP B 81 -22.18 6.26 -17.90
N ALA B 82 -21.35 5.82 -18.84
CA ALA B 82 -21.04 6.62 -20.02
C ALA B 82 -21.85 6.19 -21.24
N GLU B 83 -22.49 7.16 -21.89
CA GLU B 83 -23.19 6.86 -23.13
C GLU B 83 -22.18 6.72 -24.27
N ILE B 84 -21.20 7.61 -24.29
CA ILE B 84 -20.08 7.54 -25.22
C ILE B 84 -18.91 6.98 -24.43
N PRO B 85 -18.25 5.94 -24.95
CA PRO B 85 -17.16 5.31 -24.20
C PRO B 85 -16.08 6.31 -23.82
N LEU B 86 -15.60 6.19 -22.58
CA LEU B 86 -14.60 7.09 -22.03
C LEU B 86 -13.19 6.74 -22.46
N LEU B 87 -12.37 7.77 -22.61
CA LEU B 87 -10.93 7.58 -22.56
C LEU B 87 -10.57 7.41 -21.09
N ILE B 88 -9.84 6.36 -20.77
CA ILE B 88 -9.40 6.12 -19.40
C ILE B 88 -7.86 6.11 -19.43
N ALA B 89 -7.25 7.10 -18.79
CA ALA B 89 -5.82 7.33 -18.92
C ALA B 89 -5.10 7.12 -17.60
N ALA B 90 -3.79 6.85 -17.68
CA ALA B 90 -2.96 6.81 -16.46
C ALA B 90 -1.55 7.13 -16.86
N ASP B 91 -0.71 7.54 -15.93
CA ASP B 91 0.62 7.82 -16.40
C ASP B 91 1.39 6.55 -16.09
N ILE B 92 1.23 5.56 -16.94
CA ILE B 92 1.98 4.33 -16.81
C ILE B 92 3.26 4.33 -17.64
N GLU B 93 4.18 5.17 -17.25
CA GLU B 93 5.52 5.31 -17.81
C GLU B 93 6.48 4.15 -17.59
N GLU B 94 6.37 3.51 -16.44
CA GLU B 94 7.33 2.54 -15.98
C GLU B 94 6.65 1.20 -15.78
N GLY B 95 5.74 0.90 -16.68
CA GLY B 95 4.88 -0.26 -16.61
C GLY B 95 3.58 0.08 -15.92
N VAL B 96 2.56 -0.72 -16.13
CA VAL B 96 1.29 -0.49 -15.50
C VAL B 96 1.47 -0.58 -14.01
N GLY B 97 2.42 -1.39 -13.60
CA GLY B 97 2.66 -1.67 -12.20
C GLY B 97 3.27 -0.50 -11.45
N GLN B 98 3.87 0.45 -12.16
CA GLN B 98 4.33 1.68 -11.51
C GLN B 98 3.17 2.36 -10.75
N ARG B 99 1.98 2.31 -11.35
CA ARG B 99 0.79 2.98 -10.84
C ARG B 99 -0.04 2.08 -9.94
N PHE B 100 -0.44 0.94 -10.52
CA PHE B 100 -1.38 0.04 -9.90
C PHE B 100 -0.76 -1.30 -9.52
N ARG B 101 -0.58 -1.50 -8.23
N ARG B 101 -0.58 -1.52 -8.24
CA ARG B 101 0.16 -2.66 -7.76
CA ARG B 101 0.10 -2.70 -7.72
C ARG B 101 -0.56 -3.96 -8.12
C ARG B 101 -0.58 -3.98 -8.12
N GLY B 102 0.22 -4.93 -8.55
CA GLY B 102 -0.28 -6.21 -9.02
C GLY B 102 -0.10 -6.34 -10.51
N ALA B 103 0.21 -5.24 -11.20
CA ALA B 103 0.57 -5.33 -12.61
C ALA B 103 2.09 -5.27 -12.68
N THR B 104 2.66 -5.40 -13.87
CA THR B 104 4.11 -5.45 -14.04
C THR B 104 4.76 -4.07 -13.98
N GLU B 105 5.66 -3.87 -13.03
N GLU B 105 5.70 -3.91 -13.05
CA GLU B 105 6.45 -2.64 -12.97
CA GLU B 105 6.48 -2.68 -12.90
C GLU B 105 7.78 -2.87 -13.69
C GLU B 105 7.82 -2.83 -13.63
N PHE B 106 8.05 -2.03 -14.68
CA PHE B 106 9.33 -2.06 -15.39
C PHE B 106 10.32 -1.09 -14.77
N PRO B 107 11.62 -1.28 -15.03
CA PRO B 107 12.60 -0.28 -14.61
C PRO B 107 12.34 1.00 -15.41
N PRO B 108 12.87 2.13 -14.96
CA PRO B 108 12.59 3.38 -15.68
C PRO B 108 13.28 3.44 -17.04
N PRO B 109 12.73 4.25 -17.95
CA PRO B 109 13.24 4.40 -19.31
C PRO B 109 14.75 4.60 -19.38
N ALA B 111 17.12 3.39 -17.82
CA ALA B 111 17.81 2.10 -17.77
C ALA B 111 17.92 1.49 -19.17
N PHE B 112 16.87 1.67 -19.98
CA PHE B 112 16.87 1.17 -21.34
C PHE B 112 17.87 1.94 -22.18
N GLY B 113 17.99 3.23 -21.91
CA GLY B 113 18.95 4.08 -22.59
C GLY B 113 20.36 3.65 -22.21
N GLU B 114 20.55 3.31 -20.95
CA GLU B 114 21.85 2.84 -20.47
C GLU B 114 22.28 1.62 -21.30
N ILE B 115 21.35 0.70 -21.53
CA ILE B 115 21.63 -0.50 -22.31
C ILE B 115 21.95 -0.16 -23.77
N TRP B 116 21.24 0.79 -24.33
CA TRP B 116 21.35 1.17 -25.74
C TRP B 116 22.76 1.64 -26.04
N ARG B 117 23.41 2.27 -25.06
CA ARG B 117 24.77 2.74 -25.23
C ARG B 117 25.67 1.62 -25.75
N THR B 118 25.73 0.51 -25.02
CA THR B 118 26.55 -0.60 -25.47
C THR B 118 25.85 -1.65 -26.35
N ASP B 119 24.52 -1.70 -26.33
CA ASP B 119 23.82 -2.71 -27.11
C ASP B 119 22.46 -2.22 -27.65
N PRO B 120 22.47 -1.40 -28.71
CA PRO B 120 21.22 -0.78 -29.18
C PRO B 120 20.16 -1.77 -29.65
N HIS B 121 20.59 -2.83 -30.34
N HIS B 121 20.58 -2.83 -30.35
CA HIS B 121 19.65 -3.82 -30.87
CA HIS B 121 19.63 -3.82 -30.85
C HIS B 121 18.82 -4.48 -29.75
C HIS B 121 18.81 -4.41 -29.71
N GLN B 122 19.51 -4.87 -28.68
CA GLN B 122 18.88 -5.37 -27.50
C GLN B 122 18.03 -4.41 -26.71
N ALA B 123 18.51 -3.20 -26.55
CA ALA B 123 17.75 -2.17 -25.84
C ALA B 123 16.39 -1.96 -26.53
N ILE B 124 16.41 -1.96 -27.86
CA ILE B 124 15.20 -1.73 -28.63
C ILE B 124 14.20 -2.87 -28.48
N ALA B 125 14.69 -4.11 -28.55
CA ALA B 125 13.85 -5.27 -28.30
C ALA B 125 13.20 -5.15 -26.92
N LEU B 126 14.00 -4.80 -25.91
CA LEU B 126 13.48 -4.68 -24.54
C LEU B 126 12.45 -3.56 -24.43
N ALA B 127 12.68 -2.45 -25.12
CA ALA B 127 11.74 -1.33 -25.07
C ALA B 127 10.42 -1.68 -25.76
N GLU B 128 10.48 -2.47 -26.83
N GLU B 128 10.50 -2.47 -26.82
CA GLU B 128 9.28 -2.95 -27.48
CA GLU B 128 9.30 -2.98 -27.49
C GLU B 128 8.48 -3.85 -26.53
C GLU B 128 8.49 -3.86 -26.54
N THR B 129 9.15 -4.80 -25.88
CA THR B 129 8.52 -5.66 -24.88
C THR B 129 7.84 -4.80 -23.80
N GLY B 131 6.64 -1.68 -24.04
CA GLY B 131 5.44 -1.09 -24.62
C GLY B 131 4.33 -2.11 -24.80
N ALA B 132 4.67 -3.26 -25.38
CA ALA B 132 3.67 -4.34 -25.57
C ALA B 132 3.03 -4.78 -24.26
N THR B 133 3.84 -5.04 -23.24
CA THR B 133 3.33 -5.48 -21.94
C THR B 133 2.52 -4.39 -21.24
N THR B 134 3.01 -3.16 -21.31
CA THR B 134 2.27 -2.04 -20.75
C THR B 134 0.87 -1.94 -21.37
N ALA B 135 0.80 -2.01 -22.68
CA ALA B 135 -0.47 -1.90 -23.41
C ALA B 135 -1.41 -3.08 -23.09
N GLN B 136 -0.85 -4.28 -23.02
CA GLN B 136 -1.66 -5.47 -22.76
C GLN B 136 -2.26 -5.41 -21.37
N GLU B 137 -1.46 -5.03 -20.39
CA GLU B 137 -1.94 -4.99 -19.02
C GLU B 137 -2.88 -3.81 -18.82
N ALA B 138 -2.62 -2.71 -19.51
CA ALA B 138 -3.49 -1.53 -19.36
C ALA B 138 -4.89 -1.95 -19.81
N LEU B 139 -4.98 -2.55 -20.99
N LEU B 139 -4.95 -2.55 -21.00
CA LEU B 139 -6.26 -3.00 -21.51
CA LEU B 139 -6.17 -3.07 -21.57
C LEU B 139 -6.98 -3.97 -20.57
C LEU B 139 -6.95 -3.96 -20.59
N SER B 140 -6.25 -4.84 -19.90
CA SER B 140 -6.93 -5.78 -19.02
C SER B 140 -7.53 -5.10 -17.79
N LEU B 141 -7.03 -3.90 -17.44
CA LEU B 141 -7.59 -3.10 -16.35
C LEU B 141 -8.68 -2.14 -16.85
N GLY B 142 -8.81 -2.01 -18.16
CA GLY B 142 -9.77 -1.10 -18.73
C GLY B 142 -9.18 0.28 -18.92
N ILE B 143 -7.84 0.38 -18.90
CA ILE B 143 -7.14 1.63 -19.22
C ILE B 143 -6.83 1.61 -20.71
N ASN B 144 -7.46 2.50 -21.46
CA ASN B 144 -7.27 2.53 -22.92
C ASN B 144 -6.33 3.60 -23.44
N TRP B 145 -5.84 4.44 -22.54
CA TRP B 145 -4.97 5.52 -22.96
C TRP B 145 -3.71 5.55 -22.11
N VAL B 146 -2.59 5.22 -22.73
CA VAL B 146 -1.31 5.12 -22.04
C VAL B 146 -0.63 6.46 -22.18
N LEU B 147 -0.29 7.15 -21.09
CA LEU B 147 0.34 8.43 -21.35
C LEU B 147 1.84 8.21 -21.20
N ALA B 148 2.45 7.95 -22.35
CA ALA B 148 3.83 7.52 -22.45
C ALA B 148 3.95 7.16 -23.92
N PRO B 149 5.17 7.20 -24.48
CA PRO B 149 6.46 7.46 -23.82
C PRO B 149 6.79 8.93 -23.53
N VAL B 150 7.58 9.15 -22.48
CA VAL B 150 8.24 10.42 -22.31
C VAL B 150 9.30 10.49 -23.41
N LEU B 151 9.20 11.51 -24.26
CA LEU B 151 10.18 11.78 -25.31
C LEU B 151 11.16 12.93 -24.98
N ASP B 152 11.09 13.42 -23.76
CA ASP B 152 11.98 14.46 -23.34
C ASP B 152 13.42 13.94 -23.36
N VAL B 153 14.35 14.80 -23.69
CA VAL B 153 15.75 14.45 -23.75
C VAL B 153 16.43 15.04 -22.55
N ASN B 154 16.88 14.22 -21.65
CA ASN B 154 17.43 14.71 -20.40
C ASN B 154 18.89 15.09 -20.52
N ASN B 155 19.15 16.21 -21.15
CA ASN B 155 20.47 16.72 -21.32
C ASN B 155 20.85 17.79 -20.36
N ASN B 156 20.01 18.07 -19.39
CA ASN B 156 20.40 18.84 -18.23
C ASN B 156 20.37 17.91 -17.01
N PRO B 157 21.56 17.56 -16.49
CA PRO B 157 21.67 16.54 -15.44
C PRO B 157 20.97 16.98 -14.17
N HIS B 158 20.68 18.27 -14.03
CA HIS B 158 20.00 18.76 -12.85
C HIS B 158 18.46 18.75 -12.99
N ASN B 159 17.95 18.32 -14.13
CA ASN B 159 16.50 18.31 -14.30
C ASN B 159 15.84 17.46 -13.20
N PRO B 160 15.06 18.09 -12.30
CA PRO B 160 14.39 17.40 -11.19
C PRO B 160 13.13 16.59 -11.52
N VAL B 161 12.39 17.03 -12.54
CA VAL B 161 11.15 16.41 -12.98
C VAL B 161 11.24 15.26 -13.99
N ILE B 162 12.15 15.38 -14.95
CA ILE B 162 12.30 14.32 -15.95
C ILE B 162 13.32 13.26 -15.47
N ASN B 163 14.61 13.59 -15.47
CA ASN B 163 15.57 12.72 -14.84
C ASN B 163 15.48 11.32 -15.47
N ILE B 164 15.36 10.27 -14.65
CA ILE B 164 15.35 8.90 -15.21
C ILE B 164 14.07 8.48 -15.95
N ARG B 165 13.07 9.34 -15.95
CA ARG B 165 11.88 9.15 -16.78
C ARG B 165 12.16 9.27 -18.28
N ALA B 166 13.32 9.83 -18.62
CA ALA B 166 13.74 9.96 -20.01
C ALA B 166 14.49 8.71 -20.47
N PHE B 167 14.30 8.35 -21.73
CA PHE B 167 14.97 7.19 -22.31
C PHE B 167 16.44 7.46 -22.57
N GLY B 168 16.89 8.70 -22.38
CA GLY B 168 18.26 9.04 -22.69
C GLY B 168 18.60 10.52 -22.70
N GLU B 169 19.88 10.81 -22.93
CA GLU B 169 20.40 12.17 -23.01
C GLU B 169 20.65 12.74 -24.42
N THR B 170 20.41 11.95 -25.46
CA THR B 170 20.56 12.44 -26.84
C THR B 170 19.34 12.04 -27.67
N PRO B 171 19.04 12.81 -28.74
CA PRO B 171 17.84 12.57 -29.54
C PRO B 171 17.83 11.23 -30.29
N ASP B 172 18.98 10.80 -30.81
CA ASP B 172 19.08 9.49 -31.46
C ASP B 172 18.62 8.38 -30.53
N GLN B 173 19.12 8.44 -29.31
CA GLN B 173 18.85 7.45 -28.28
C GLN B 173 17.36 7.45 -27.89
N VAL B 174 16.81 8.64 -27.65
CA VAL B 174 15.41 8.77 -27.26
C VAL B 174 14.45 8.38 -28.38
N SER B 175 14.77 8.79 -29.61
CA SER B 175 13.95 8.45 -30.76
C SER B 175 13.86 6.95 -30.94
N ALA B 176 15.00 6.28 -30.88
CA ALA B 176 15.06 4.84 -31.06
C ALA B 176 14.24 4.11 -30.00
N LEU B 177 14.43 4.48 -28.74
CA LEU B 177 13.76 3.78 -27.66
C LEU B 177 12.30 4.19 -27.55
N GLY B 178 12.03 5.47 -27.79
CA GLY B 178 10.67 5.97 -27.76
C GLY B 178 9.79 5.33 -28.83
N THR B 179 10.28 5.26 -30.07
CA THR B 179 9.49 4.64 -31.12
C THR B 179 9.33 3.13 -30.90
N ALA B 180 10.33 2.48 -30.31
CA ALA B 180 10.23 1.05 -30.04
C ALA B 180 9.12 0.78 -29.02
N PHE B 181 9.06 1.60 -27.98
CA PHE B 181 7.98 1.50 -27.01
C PHE B 181 6.62 1.62 -27.73
N ILE B 182 6.51 2.58 -28.63
CA ILE B 182 5.26 2.79 -29.38
C ILE B 182 4.91 1.59 -30.27
N ARG B 183 5.88 1.08 -31.02
CA ARG B 183 5.64 -0.13 -31.81
C ARG B 183 5.14 -1.28 -30.93
N GLY B 184 5.71 -1.43 -29.74
CA GLY B 184 5.28 -2.47 -28.83
C GLY B 184 3.81 -2.27 -28.45
N ALA B 185 3.48 -1.05 -28.06
CA ALA B 185 2.12 -0.70 -27.63
C ALA B 185 1.10 -0.85 -28.78
N GLN B 186 1.58 -0.70 -30.01
CA GLN B 186 0.69 -0.76 -31.15
C GLN B 186 0.20 -2.18 -31.47
N GLN B 187 0.74 -3.17 -30.78
CA GLN B 187 0.22 -4.53 -30.91
C GLN B 187 -1.17 -4.65 -30.25
N TYR B 188 -1.57 -3.62 -29.51
CA TYR B 188 -2.84 -3.65 -28.79
C TYR B 188 -3.64 -2.38 -29.08
N ALA B 189 -4.94 -2.37 -28.79
CA ALA B 189 -5.63 -1.15 -29.16
C ALA B 189 -5.76 -0.29 -27.91
N VAL B 190 -4.84 0.68 -27.84
CA VAL B 190 -4.72 1.63 -26.76
C VAL B 190 -4.13 2.84 -27.45
N LEU B 191 -4.37 4.02 -26.89
CA LEU B 191 -3.70 5.21 -27.38
C LEU B 191 -2.32 5.34 -26.74
N THR B 192 -1.36 5.88 -27.49
CA THR B 192 -0.07 6.23 -26.91
C THR B 192 0.12 7.73 -26.94
N THR B 193 1.01 8.22 -26.09
CA THR B 193 1.17 9.65 -25.91
C THR B 193 2.60 10.12 -25.84
N ALA B 194 3.00 10.97 -26.78
CA ALA B 194 4.31 11.61 -26.72
C ALA B 194 4.25 12.80 -25.74
N LYS B 195 5.22 12.87 -24.84
CA LYS B 195 5.29 13.88 -23.76
C LYS B 195 6.75 14.34 -23.62
N HIS B 196 7.02 15.61 -23.29
CA HIS B 196 6.06 16.69 -23.16
C HIS B 196 6.50 17.76 -24.16
N PHE B 197 5.71 17.98 -25.21
CA PHE B 197 6.14 18.79 -26.36
C PHE B 197 6.34 20.28 -26.04
N PRO B 198 7.36 20.95 -26.65
CA PRO B 198 8.39 20.34 -27.50
C PRO B 198 9.65 19.89 -26.75
N GLY B 199 9.41 19.25 -25.62
CA GLY B 199 10.35 18.58 -24.74
C GLY B 199 10.87 19.37 -23.56
N HIS B 200 10.74 18.75 -22.41
CA HIS B 200 11.01 19.31 -21.14
C HIS B 200 12.41 18.98 -20.63
N GLY B 201 13.26 18.41 -21.45
CA GLY B 201 14.56 17.94 -21.01
C GLY B 201 15.62 18.88 -20.47
N ASP B 202 15.84 19.99 -21.12
CA ASP B 202 16.83 20.95 -20.71
C ASP B 202 16.33 22.00 -19.78
N THR B 203 16.11 21.69 -18.54
CA THR B 203 15.75 22.71 -17.60
C THR B 203 16.02 22.18 -16.22
N ALA B 204 16.15 23.04 -15.24
CA ALA B 204 16.34 22.60 -13.89
C ALA B 204 15.09 22.90 -13.09
N THR B 205 14.06 23.28 -13.79
CA THR B 205 12.81 23.68 -13.13
C THR B 205 11.64 22.71 -13.39
N ASP B 206 10.95 22.34 -12.32
CA ASP B 206 9.79 21.44 -12.42
C ASP B 206 8.52 22.26 -12.68
N SER B 207 7.87 22.02 -13.82
CA SER B 207 6.70 22.80 -14.21
C SER B 207 5.48 22.54 -13.34
N HIS B 208 5.59 21.53 -12.47
CA HIS B 208 4.62 21.37 -11.40
C HIS B 208 4.72 22.49 -10.38
N LEU B 209 5.93 23.00 -10.11
CA LEU B 209 6.08 24.10 -9.15
C LEU B 209 6.17 25.53 -9.69
N ALA B 210 6.41 25.67 -10.99
CA ALA B 210 6.68 26.98 -11.58
C ALA B 210 6.96 26.88 -13.06
N LEU B 211 6.85 28.00 -13.75
CA LEU B 211 6.95 28.03 -15.20
C LEU B 211 8.40 28.11 -15.64
N PRO B 212 8.92 27.04 -16.26
CA PRO B 212 10.28 27.07 -16.79
C PRO B 212 10.34 27.79 -18.14
N THR B 213 11.52 28.30 -18.49
CA THR B 213 11.76 28.85 -19.82
C THR B 213 12.89 28.09 -20.53
N ILE B 214 12.62 27.60 -21.74
CA ILE B 214 13.65 26.99 -22.56
C ILE B 214 14.12 28.05 -23.55
N SER B 215 15.36 28.48 -23.43
CA SER B 215 15.84 29.65 -24.15
C SER B 215 16.47 29.36 -25.52
N HIS B 216 16.44 28.10 -25.96
CA HIS B 216 17.11 27.70 -27.20
C HIS B 216 16.46 28.25 -28.46
N ASP B 217 17.27 28.50 -29.49
CA ASP B 217 16.74 28.99 -30.76
C ASP B 217 16.10 27.88 -31.58
N ASP B 218 15.54 28.26 -32.72
CA ASP B 218 14.75 27.33 -33.53
C ASP B 218 15.60 26.18 -34.05
N THR B 219 16.80 26.50 -34.50
CA THR B 219 17.73 25.50 -35.02
C THR B 219 18.04 24.44 -33.97
N ARG B 220 18.29 24.86 -32.74
CA ARG B 220 18.62 23.93 -31.67
C ARG B 220 17.41 23.08 -31.30
N LEU B 221 16.24 23.69 -31.25
CA LEU B 221 15.01 22.93 -30.97
C LEU B 221 14.80 21.81 -31.99
N ASN B 222 15.07 22.10 -33.26
CA ASN B 222 14.91 21.08 -34.29
C ASN B 222 16.05 20.06 -34.31
N THR B 223 17.18 20.43 -33.73
CA THR B 223 18.32 19.51 -33.63
C THR B 223 18.24 18.53 -32.46
N VAL B 224 17.73 18.99 -31.32
CA VAL B 224 17.78 18.22 -30.08
C VAL B 224 16.41 17.81 -29.54
N GLU B 225 15.59 18.79 -29.19
CA GLU B 225 14.27 18.52 -28.56
C GLU B 225 13.28 17.79 -29.48
N LEU B 226 13.13 18.30 -30.70
CA LEU B 226 12.13 17.83 -31.66
C LEU B 226 12.24 16.43 -32.30
N PRO B 227 13.45 16.02 -32.73
CA PRO B 227 13.56 14.79 -33.51
C PRO B 227 12.83 13.55 -32.92
N PRO B 228 12.90 13.34 -31.60
CA PRO B 228 12.11 12.19 -31.14
C PRO B 228 10.59 12.40 -31.31
N PHE B 229 10.12 13.64 -31.21
CA PHE B 229 8.70 13.91 -31.42
C PHE B 229 8.32 13.65 -32.88
N LYS B 230 9.16 14.10 -33.81
CA LYS B 230 8.91 13.86 -35.22
C LYS B 230 8.82 12.36 -35.50
N ALA B 231 9.73 11.59 -34.93
CA ALA B 231 9.77 10.16 -35.16
C ALA B 231 8.53 9.47 -34.57
N ALA B 232 8.10 9.88 -33.37
CA ALA B 232 6.87 9.36 -32.77
C ALA B 232 5.66 9.68 -33.66
N ILE B 233 5.57 10.94 -34.11
CA ILE B 233 4.50 11.37 -35.00
C ILE B 233 4.50 10.57 -36.31
N GLN B 234 5.66 10.45 -36.95
CA GLN B 234 5.75 9.66 -38.17
C GLN B 234 5.45 8.19 -37.88
N GLY B 235 5.68 7.78 -36.64
CA GLY B 235 5.40 6.42 -36.21
C GLY B 235 3.96 6.21 -35.76
N GLY B 236 3.13 7.26 -35.88
CA GLY B 236 1.71 7.13 -35.61
C GLY B 236 1.27 7.22 -34.15
N VAL B 237 2.03 7.90 -33.30
CA VAL B 237 1.60 8.12 -31.92
C VAL B 237 0.23 8.83 -31.95
N ASP B 238 -0.70 8.43 -31.08
CA ASP B 238 -2.09 8.96 -31.15
C ASP B 238 -2.27 10.33 -30.51
N ALA B 239 -1.45 10.64 -29.53
CA ALA B 239 -1.62 11.88 -28.80
C ALA B 239 -0.26 12.49 -28.54
N VAL B 240 -0.21 13.80 -28.50
CA VAL B 240 0.99 14.53 -28.09
C VAL B 240 0.58 15.47 -26.95
N ASN B 242 1.54 18.49 -24.38
N ASN B 242 1.56 18.49 -24.38
CA ASN B 242 2.41 19.65 -24.37
CA ASN B 242 2.47 19.64 -24.43
C ASN B 242 2.91 19.95 -22.97
C ASN B 242 2.83 20.22 -23.07
N ALA B 243 4.13 20.48 -22.86
CA ALA B 243 4.64 20.99 -21.59
C ALA B 243 4.17 22.43 -21.29
N HIS B 244 4.11 22.81 -20.00
CA HIS B 244 3.85 24.21 -19.73
C HIS B 244 5.25 24.79 -19.66
N LEU B 245 5.61 25.51 -20.71
CA LEU B 245 6.97 26.00 -20.87
C LEU B 245 6.93 27.26 -21.68
N ILE B 247 8.70 29.07 -24.46
CA ILE B 247 9.64 28.86 -25.55
C ILE B 247 9.74 30.15 -26.33
N PRO B 248 10.52 31.10 -25.81
CA PRO B 248 10.55 32.48 -26.34
C PRO B 248 10.97 32.57 -27.80
N ALA B 249 11.66 31.56 -28.32
CA ALA B 249 12.00 31.58 -29.75
C ALA B 249 10.74 31.45 -30.61
N TRP B 250 9.81 30.59 -30.19
CA TRP B 250 8.52 30.48 -30.85
C TRP B 250 7.41 31.47 -30.45
N ASP B 251 7.24 31.65 -29.15
CA ASP B 251 6.21 32.55 -28.64
C ASP B 251 6.70 33.32 -27.42
N GLN B 252 6.71 34.65 -27.49
CA GLN B 252 7.16 35.47 -26.37
C GLN B 252 6.16 35.79 -25.25
N GLN B 253 4.87 35.85 -25.58
CA GLN B 253 3.83 36.04 -24.57
C GLN B 253 3.35 34.78 -23.85
N TYR B 254 3.10 33.72 -24.63
CA TYR B 254 2.35 32.53 -24.20
C TYR B 254 3.15 31.24 -24.01
N PRO B 255 3.01 30.57 -22.86
CA PRO B 255 3.65 29.25 -22.77
C PRO B 255 3.01 28.28 -23.76
N ALA B 256 3.68 27.15 -24.02
CA ALA B 256 3.28 26.24 -25.08
C ALA B 256 1.80 25.85 -25.00
N THR B 257 1.31 25.73 -23.77
CA THR B 257 -0.04 25.30 -23.49
C THR B 257 -1.10 26.25 -24.04
N LEU B 258 -0.81 27.54 -23.92
CA LEU B 258 -1.69 28.62 -24.37
C LEU B 258 -1.34 29.26 -25.72
N SER B 259 -0.34 28.72 -26.41
CA SER B 259 0.22 29.39 -27.59
C SER B 259 -0.20 28.82 -28.93
N PRO B 260 -0.94 29.61 -29.73
CA PRO B 260 -1.33 29.23 -31.10
C PRO B 260 -0.13 28.94 -31.99
N ALA B 261 0.91 29.78 -31.92
CA ALA B 261 2.11 29.57 -32.71
C ALA B 261 2.75 28.21 -32.41
N ILE B 262 2.81 27.83 -31.15
CA ILE B 262 3.37 26.52 -30.81
C ILE B 262 2.49 25.30 -31.11
N LEU B 263 1.26 25.27 -30.59
CA LEU B 263 0.40 24.08 -30.75
C LEU B 263 -0.09 23.95 -32.19
N THR B 264 -0.62 25.05 -32.74
CA THR B 264 -1.07 25.03 -34.12
C THR B 264 0.05 25.20 -35.15
N GLY B 265 0.91 26.20 -34.94
CA GLY B 265 1.99 26.49 -35.86
C GLY B 265 3.06 25.42 -35.93
N GLN B 266 3.66 25.08 -34.79
CA GLN B 266 4.75 24.10 -34.77
C GLN B 266 4.30 22.65 -34.85
N LEU B 267 3.23 22.31 -34.13
CA LEU B 267 2.84 20.92 -33.95
C LEU B 267 1.83 20.45 -35.00
N ARG B 268 0.63 21.05 -34.98
CA ARG B 268 -0.41 20.66 -35.92
C ARG B 268 0.01 20.88 -37.39
N HIS B 269 0.57 22.05 -37.68
CA HIS B 269 0.93 22.40 -39.05
C HIS B 269 2.33 21.94 -39.49
N LYS B 270 3.38 22.49 -38.88
CA LYS B 270 4.73 22.18 -39.35
C LYS B 270 5.08 20.69 -39.27
N LEU B 271 4.77 20.07 -38.14
CA LEU B 271 5.03 18.63 -37.99
C LEU B 271 3.91 17.77 -38.57
N GLY B 272 2.83 18.40 -39.01
CA GLY B 272 1.71 17.67 -39.59
C GLY B 272 1.07 16.62 -38.67
N PHE B 273 1.04 16.91 -37.36
CA PHE B 273 0.43 15.97 -36.41
C PHE B 273 -1.09 16.00 -36.47
N LYS B 274 -1.68 14.85 -36.75
CA LYS B 274 -3.12 14.76 -37.00
C LYS B 274 -3.96 14.27 -35.80
N GLY B 275 -3.32 13.91 -34.70
CA GLY B 275 -4.02 13.30 -33.57
C GLY B 275 -4.40 14.27 -32.48
N LEU B 276 -4.55 13.76 -31.26
CA LEU B 276 -5.00 14.55 -30.12
C LEU B 276 -3.87 15.40 -29.57
N ILE B 277 -4.11 16.69 -29.49
CA ILE B 277 -3.18 17.60 -28.84
C ILE B 277 -3.67 17.82 -27.42
N VAL B 278 -2.89 17.36 -26.45
CA VAL B 278 -3.34 17.33 -25.06
C VAL B 278 -2.56 18.32 -24.19
N THR B 279 -3.26 19.07 -23.34
CA THR B 279 -2.53 19.91 -22.39
C THR B 279 -1.96 19.00 -21.30
N ASP B 280 -0.84 19.41 -20.72
CA ASP B 280 -0.41 18.84 -19.45
C ASP B 280 -1.44 19.30 -18.39
N ALA B 281 -1.46 18.64 -17.24
CA ALA B 281 -2.47 18.89 -16.23
C ALA B 281 -2.61 20.39 -15.93
N LEU B 282 -3.85 20.88 -15.99
CA LEU B 282 -4.09 22.32 -15.89
C LEU B 282 -4.13 22.80 -14.45
N VAL B 283 -3.96 21.89 -13.49
CA VAL B 283 -3.84 22.30 -12.10
C VAL B 283 -2.39 22.51 -11.70
N GLY B 285 1.26 24.21 -11.13
CA GLY B 285 1.73 25.53 -10.75
C GLY B 285 2.23 26.36 -11.92
N GLY B 286 2.95 25.71 -12.84
CA GLY B 286 3.48 26.39 -14.00
C GLY B 286 2.42 27.12 -14.80
N ILE B 287 1.30 26.44 -15.06
CA ILE B 287 0.18 27.08 -15.76
C ILE B 287 -0.74 27.93 -14.86
N THR B 288 -1.06 27.46 -13.64
CA THR B 288 -1.99 28.21 -12.75
C THR B 288 -1.41 29.54 -12.30
N GLN B 289 -0.08 29.63 -12.26
N GLN B 289 -0.09 29.63 -12.28
CA GLN B 289 0.58 30.87 -11.88
CA GLN B 289 0.56 30.87 -11.89
C GLN B 289 0.56 31.86 -13.06
C GLN B 289 0.56 31.86 -13.06
N PHE B 290 0.30 31.36 -14.26
CA PHE B 290 0.26 32.21 -15.45
C PHE B 290 -1.06 32.95 -15.66
N ALA B 291 -2.17 32.25 -15.48
CA ALA B 291 -3.48 32.89 -15.68
C ALA B 291 -4.59 32.16 -14.93
N ALA B 292 -5.72 32.85 -14.77
CA ALA B 292 -6.89 32.26 -14.11
C ALA B 292 -7.46 31.08 -14.89
N PRO B 293 -8.18 30.19 -14.19
CA PRO B 293 -8.71 28.95 -14.77
C PRO B 293 -9.58 29.17 -16.00
N ASP B 294 -10.49 30.15 -15.94
CA ASP B 294 -11.38 30.44 -17.06
C ASP B 294 -10.60 30.92 -18.29
N THR B 295 -9.59 31.74 -18.06
CA THR B 295 -8.73 32.20 -19.14
C THR B 295 -7.93 31.03 -19.72
N VAL B 296 -7.42 30.18 -18.84
CA VAL B 296 -6.59 29.06 -19.29
C VAL B 296 -7.29 28.10 -20.24
N VAL B 297 -8.51 27.65 -19.91
CA VAL B 297 -9.19 26.68 -20.77
C VAL B 297 -9.54 27.29 -22.12
N VAL B 298 -10.04 28.53 -22.11
CA VAL B 298 -10.41 29.18 -23.38
C VAL B 298 -9.19 29.38 -24.28
N GLN B 299 -8.11 29.90 -23.70
CA GLN B 299 -6.90 30.17 -24.46
C GLN B 299 -6.21 28.86 -24.93
N ALA B 300 -6.38 27.77 -24.19
CA ALA B 300 -5.80 26.50 -24.60
C ALA B 300 -6.53 26.00 -25.84
N ILE B 301 -7.86 26.11 -25.84
CA ILE B 301 -8.63 25.76 -27.03
C ILE B 301 -8.24 26.63 -28.22
N ALA B 302 -8.18 27.94 -28.01
CA ALA B 302 -7.77 28.85 -29.09
C ALA B 302 -6.39 28.48 -29.63
N ALA B 303 -5.51 28.01 -28.75
CA ALA B 303 -4.15 27.62 -29.15
C ALA B 303 -4.14 26.36 -30.02
N GLY B 304 -5.23 25.59 -30.00
CA GLY B 304 -5.30 24.28 -30.63
C GLY B 304 -5.40 22.99 -29.80
N ALA B 305 -5.50 23.08 -28.47
CA ALA B 305 -5.69 21.88 -27.65
C ALA B 305 -7.00 21.14 -27.97
N ASP B 306 -6.91 19.83 -28.20
CA ASP B 306 -8.09 18.96 -28.26
C ASP B 306 -8.64 18.46 -26.93
N ILE B 307 -7.75 18.33 -25.95
CA ILE B 307 -8.12 17.73 -24.68
C ILE B 307 -7.64 18.64 -23.58
N LEU B 308 -8.53 18.98 -22.67
CA LEU B 308 -8.16 19.81 -21.52
C LEU B 308 -8.01 18.88 -20.33
N LEU B 309 -6.79 18.66 -19.88
CA LEU B 309 -6.52 17.65 -18.87
C LEU B 309 -6.57 18.26 -17.48
N PRO B 311 -8.78 20.25 -15.61
CA PRO B 311 -9.06 21.65 -15.30
C PRO B 311 -9.35 21.78 -13.81
N PRO B 312 -8.80 22.83 -13.17
CA PRO B 312 -9.06 23.00 -11.75
C PRO B 312 -10.55 23.13 -11.45
N ASP B 313 -11.34 23.70 -12.36
CA ASP B 313 -12.79 23.75 -12.15
C ASP B 313 -13.54 23.33 -13.41
N VAL B 314 -14.16 22.16 -13.34
CA VAL B 314 -14.73 21.55 -14.53
C VAL B 314 -16.03 22.22 -14.93
N ASP B 315 -16.90 22.43 -13.95
CA ASP B 315 -18.17 23.07 -14.22
C ASP B 315 -17.94 24.50 -14.71
N GLY B 316 -16.99 25.20 -14.08
CA GLY B 316 -16.66 26.57 -14.46
C GLY B 316 -16.05 26.64 -15.85
N ALA B 317 -15.21 25.66 -16.19
CA ALA B 317 -14.60 25.59 -17.51
C ALA B 317 -15.65 25.46 -18.61
N ILE B 318 -16.62 24.57 -18.40
CA ILE B 318 -17.70 24.41 -19.37
C ILE B 318 -18.46 25.73 -19.58
N ILE B 319 -18.83 26.40 -18.49
CA ILE B 319 -19.48 27.70 -18.61
C ILE B 319 -18.60 28.66 -19.39
N ALA B 320 -17.33 28.70 -19.03
CA ALA B 320 -16.42 29.68 -19.60
C ALA B 320 -16.30 29.48 -21.11
N ILE B 321 -16.23 28.23 -21.52
CA ILE B 321 -16.13 27.93 -22.93
C ILE B 321 -17.43 28.32 -23.67
N GLU B 322 -18.59 28.01 -23.09
CA GLU B 322 -19.86 28.44 -23.69
C GLU B 322 -19.92 29.97 -23.80
N THR B 323 -19.47 30.64 -22.76
CA THR B 323 -19.49 32.10 -22.74
C THR B 323 -18.57 32.65 -23.83
N ALA B 324 -17.42 32.02 -24.00
CA ALA B 324 -16.46 32.44 -25.01
C ALA B 324 -16.98 32.23 -26.43
N ILE B 325 -17.87 31.27 -26.61
CA ILE B 325 -18.49 31.07 -27.91
C ILE B 325 -19.54 32.14 -28.18
N LYS B 326 -20.34 32.47 -27.16
CA LYS B 326 -21.35 33.52 -27.29
C LYS B 326 -20.71 34.85 -27.64
N THR B 327 -19.51 35.11 -27.12
CA THR B 327 -18.84 36.38 -27.33
C THR B 327 -18.04 36.43 -28.64
N GLY B 328 -17.90 35.29 -29.31
CA GLY B 328 -17.18 35.25 -30.57
C GLY B 328 -15.68 35.03 -30.44
N GLN B 329 -15.20 34.90 -29.22
CA GLN B 329 -13.78 34.61 -29.01
C GLN B 329 -13.43 33.18 -29.45
N LEU B 330 -14.39 32.27 -29.28
CA LEU B 330 -14.30 30.92 -29.84
C LEU B 330 -15.51 30.69 -30.75
N SER B 331 -15.33 29.89 -31.79
CA SER B 331 -16.44 29.52 -32.66
C SER B 331 -16.92 28.12 -32.29
N GLU B 332 -18.23 27.90 -32.41
CA GLU B 332 -18.82 26.60 -32.12
C GLU B 332 -18.15 25.46 -32.91
N SER B 333 -17.88 25.70 -34.19
CA SER B 333 -17.31 24.66 -35.05
C SER B 333 -15.93 24.24 -34.57
N ARG B 334 -15.24 25.14 -33.89
CA ARG B 334 -13.94 24.81 -33.32
C ARG B 334 -14.05 23.63 -32.36
N ILE B 335 -15.10 23.61 -31.55
CA ILE B 335 -15.29 22.53 -30.58
C ILE B 335 -15.49 21.21 -31.32
N TYR B 336 -16.33 21.23 -32.35
CA TYR B 336 -16.64 20.01 -33.10
C TYR B 336 -15.45 19.47 -33.89
N GLU B 337 -14.53 20.35 -34.28
CA GLU B 337 -13.27 19.92 -34.89
C GLU B 337 -12.47 19.05 -33.92
N SER B 338 -12.46 19.41 -32.64
CA SER B 338 -11.78 18.60 -31.65
C SER B 338 -12.54 17.30 -31.37
N VAL B 339 -13.87 17.38 -31.29
CA VAL B 339 -14.67 16.17 -31.06
C VAL B 339 -14.41 15.16 -32.17
N GLU B 340 -14.28 15.65 -33.40
CA GLU B 340 -13.97 14.81 -34.55
C GLU B 340 -12.68 14.02 -34.35
N ARG B 341 -11.64 14.67 -33.84
CA ARG B 341 -10.35 14.00 -33.57
C ARG B 341 -10.50 13.01 -32.44
N ILE B 342 -11.30 13.37 -31.44
CA ILE B 342 -11.58 12.48 -30.33
C ILE B 342 -12.31 11.24 -30.83
N TRP B 343 -13.20 11.42 -31.79
CA TRP B 343 -13.89 10.29 -32.41
C TRP B 343 -12.90 9.35 -33.12
N GLN B 344 -11.91 9.91 -33.82
CA GLN B 344 -10.90 9.08 -34.45
C GLN B 344 -10.21 8.23 -33.38
N ALA B 345 -9.80 8.89 -32.29
CA ALA B 345 -9.11 8.20 -31.23
C ALA B 345 -9.98 7.10 -30.62
N LYS B 346 -11.22 7.44 -30.29
CA LYS B 346 -12.10 6.50 -29.59
C LYS B 346 -12.51 5.35 -30.50
N GLN B 347 -12.48 5.61 -31.81
CA GLN B 347 -12.78 4.60 -32.80
C GLN B 347 -11.69 3.53 -32.78
N LYS B 348 -10.46 3.97 -32.55
CA LYS B 348 -9.33 3.05 -32.55
C LYS B 348 -9.38 2.07 -31.37
N ILE B 349 -9.85 2.55 -30.23
CA ILE B 349 -9.90 1.73 -29.03
C ILE B 349 -11.24 1.06 -28.77
N LEU B 350 -12.24 1.29 -29.62
CA LEU B 350 -13.60 0.83 -29.32
C LEU B 350 -13.70 -0.69 -29.06
N THR B 351 -14.25 -1.04 -27.89
CA THR B 351 -14.10 -2.37 -27.25
C THR B 351 -13.02 -3.26 -27.88
N PRO B 354 -14.56 -6.33 -22.31
CA PRO B 354 -14.98 -5.89 -20.98
C PRO B 354 -13.84 -6.36 -20.13
N SER B 355 -13.30 -5.49 -19.30
CA SER B 355 -11.91 -5.71 -18.87
C SER B 355 -11.68 -7.08 -18.23
N THR B 356 -10.63 -7.72 -18.72
CA THR B 356 -10.39 -9.14 -18.56
C THR B 356 -9.62 -9.54 -17.30
N PHE B 357 -9.27 -8.59 -16.45
CA PHE B 357 -8.38 -8.87 -15.31
C PHE B 357 -8.87 -10.07 -14.50
N PRO B 358 -7.93 -10.93 -14.02
CA PRO B 358 -6.47 -11.04 -14.13
C PRO B 358 -5.97 -11.48 -15.52
N GLN B 359 -6.83 -11.99 -16.38
CA GLN B 359 -6.39 -12.34 -17.75
C GLN B 359 -5.75 -11.12 -18.39
N GLY B 360 -4.56 -11.30 -18.96
CA GLY B 360 -3.87 -10.20 -19.58
C GLY B 360 -2.76 -9.60 -18.72
N ILE B 361 -2.80 -9.84 -17.41
CA ILE B 361 -1.70 -9.47 -16.51
C ILE B 361 -0.60 -10.54 -16.55
N SER B 362 0.66 -10.10 -16.68
CA SER B 362 1.77 -11.05 -16.81
C SER B 362 2.01 -11.86 -15.53
N GLY B 363 1.98 -11.19 -14.38
CA GLY B 363 2.24 -11.88 -13.13
C GLY B 363 3.63 -12.49 -13.12
N ASP B 364 3.67 -13.80 -12.89
CA ASP B 364 4.90 -14.56 -12.75
C ASP B 364 5.43 -15.08 -14.08
N ARG B 365 4.81 -14.69 -15.18
CA ARG B 365 5.22 -15.18 -16.49
C ARG B 365 6.74 -15.02 -16.59
N PRO B 366 7.45 -16.12 -16.83
CA PRO B 366 8.92 -16.11 -16.82
C PRO B 366 9.52 -15.09 -17.80
N GLU B 367 9.04 -15.07 -19.03
CA GLU B 367 9.52 -14.11 -20.02
C GLU B 367 9.45 -12.68 -19.51
N THR B 368 8.31 -12.31 -18.92
CA THR B 368 8.14 -10.95 -18.41
C THR B 368 9.07 -10.69 -17.22
N ARG B 369 9.16 -11.65 -16.30
CA ARG B 369 9.99 -11.48 -15.12
C ARG B 369 11.46 -11.39 -15.51
N LYS B 370 11.85 -12.22 -16.48
CA LYS B 370 13.22 -12.18 -17.01
C LYS B 370 13.56 -10.87 -17.74
N THR B 371 12.59 -10.27 -18.42
CA THR B 371 12.80 -8.98 -19.08
C THR B 371 13.13 -7.89 -18.06
N VAL B 372 12.36 -7.86 -16.98
CA VAL B 372 12.60 -6.91 -15.90
C VAL B 372 13.98 -7.10 -15.27
N ALA B 373 14.28 -8.33 -14.85
CA ALA B 373 15.56 -8.64 -14.22
C ALA B 373 16.74 -8.33 -15.14
N VAL B 375 16.84 -6.11 -17.71
CA VAL B 375 17.00 -4.68 -17.87
C VAL B 375 17.79 -4.08 -16.69
N LEU B 376 17.37 -4.45 -15.47
CA LEU B 376 18.06 -4.06 -14.25
C LEU B 376 19.52 -4.45 -14.26
N GLU B 377 19.78 -5.72 -14.55
N GLU B 377 19.76 -5.73 -14.55
CA GLU B 377 21.14 -6.26 -14.49
CA GLU B 377 21.11 -6.31 -14.51
C GLU B 377 22.06 -5.55 -15.46
C GLU B 377 22.05 -5.58 -15.46
N ARG B 378 21.59 -5.33 -16.68
CA ARG B 378 22.43 -4.75 -17.71
C ARG B 378 22.64 -3.23 -17.57
N ALA B 379 21.71 -2.57 -16.88
CA ALA B 379 21.80 -1.12 -16.69
C ALA B 379 22.55 -0.75 -15.41
N THR B 380 22.87 -1.76 -14.61
CA THR B 380 23.54 -1.57 -13.32
C THR B 380 24.94 -0.99 -13.44
N LYS B 381 25.39 -0.28 -12.40
CA LYS B 381 26.77 0.23 -12.36
C LYS B 381 27.47 -0.13 -11.04
N HIS B 382 28.76 -0.45 -11.13
CA HIS B 382 29.55 -0.88 -9.96
C HIS B 382 30.97 -0.30 -9.94
N GLN B 383 31.66 -0.47 -8.82
CA GLN B 383 32.95 0.18 -8.55
C GLN B 383 34.11 -0.23 -9.48
N LYS B 384 33.89 -1.21 -10.36
CA LYS B 384 34.88 -1.65 -11.34
C LYS B 384 35.87 -2.70 -10.81
N SER B 385 35.92 -2.89 -9.49
CA SER B 385 36.56 -4.06 -8.92
C SER B 385 35.47 -5.02 -8.44
N LEU B 386 35.88 -6.17 -7.89
CA LEU B 386 34.89 -7.02 -7.24
C LEU B 386 35.06 -6.93 -5.72
N VAL B 387 33.97 -6.59 -5.05
CA VAL B 387 34.03 -6.26 -3.65
C VAL B 387 32.91 -6.94 -2.89
N LYS B 388 33.26 -7.61 -1.81
CA LYS B 388 32.26 -8.04 -0.86
C LYS B 388 32.47 -7.31 0.45
N ILE B 389 31.40 -7.16 1.21
CA ILE B 389 31.46 -6.41 2.44
C ILE B 389 31.29 -7.39 3.60
N SER B 390 31.83 -7.03 4.76
CA SER B 390 31.84 -7.93 5.91
C SER B 390 30.44 -8.30 6.38
N SER B 391 30.29 -9.48 6.97
CA SER B 391 29.06 -9.78 7.71
C SER B 391 29.33 -9.53 9.18
N PHE B 392 28.27 -9.59 9.98
CA PHE B 392 28.36 -9.38 11.42
C PHE B 392 27.29 -10.21 12.11
N PRO B 393 27.49 -10.53 13.39
CA PRO B 393 26.43 -11.18 14.16
C PRO B 393 25.19 -10.28 14.25
N ASP B 394 24.04 -10.85 14.62
CA ASP B 394 22.75 -10.16 14.56
C ASP B 394 22.75 -8.79 15.23
N ASN B 395 22.26 -7.80 14.49
CA ASN B 395 22.08 -6.43 14.98
C ASN B 395 23.37 -5.76 15.48
N PHE B 396 24.52 -6.24 15.01
CA PHE B 396 25.79 -5.62 15.35
C PHE B 396 26.03 -4.38 14.51
N ALA B 397 25.62 -4.45 13.26
CA ALA B 397 25.86 -3.38 12.29
C ALA B 397 24.58 -2.60 11.98
N ARG B 398 24.70 -1.63 11.08
CA ARG B 398 23.55 -0.78 10.76
C ARG B 398 23.32 -0.69 9.24
N ASN B 399 22.06 -0.91 8.85
CA ASN B 399 21.63 -0.73 7.46
C ASN B 399 20.75 0.51 7.43
N LEU B 400 21.29 1.58 6.89
CA LEU B 400 20.61 2.87 6.96
C LEU B 400 19.96 3.12 5.61
N ILE B 401 18.62 3.06 5.59
CA ILE B 401 17.89 3.29 4.36
C ILE B 401 17.39 4.72 4.31
N VAL B 402 17.83 5.43 3.27
CA VAL B 402 17.56 6.86 3.11
C VAL B 402 16.67 7.08 1.89
N VAL B 403 15.54 7.76 2.07
CA VAL B 403 14.61 7.97 0.96
C VAL B 403 14.28 9.45 0.75
N ASP B 404 13.76 9.79 -0.43
CA ASP B 404 13.27 11.15 -0.69
C ASP B 404 12.15 11.44 0.31
N SER B 405 11.10 10.61 0.25
CA SER B 405 9.96 10.73 1.15
C SER B 405 9.39 9.38 1.55
N VAL B 406 9.20 9.17 2.82
CA VAL B 406 8.66 7.93 3.33
C VAL B 406 7.26 7.64 2.79
N LEU B 407 6.45 8.64 2.63
CA LEU B 407 5.12 8.50 2.08
C LEU B 407 5.07 8.10 0.63
N LYS B 408 6.15 8.34 -0.07
CA LYS B 408 6.20 8.02 -1.46
C LYS B 408 7.19 6.93 -1.78
N SER B 409 7.33 5.98 -0.88
CA SER B 409 8.23 4.88 -1.08
C SER B 409 7.49 3.58 -0.94
N PRO B 410 6.70 3.29 -1.94
CA PRO B 410 5.92 2.08 -1.98
C PRO B 410 6.80 0.88 -2.09
N PHE B 411 8.03 1.04 -2.54
CA PHE B 411 8.97 -0.08 -2.69
C PHE B 411 9.53 -0.56 -1.35
N LEU B 412 9.29 0.17 -0.27
CA LEU B 412 9.65 -0.32 1.05
C LEU B 412 8.44 -0.98 1.65
N ARG B 413 8.50 -2.31 1.78
CA ARG B 413 7.38 -3.06 2.31
C ARG B 413 7.95 -4.00 3.34
N PRO B 414 7.10 -4.52 4.24
CA PRO B 414 7.66 -5.41 5.24
C PRO B 414 8.50 -6.53 4.59
N ASN B 415 9.67 -6.78 5.17
CA ASN B 415 10.56 -7.85 4.74
C ASN B 415 11.02 -7.74 3.27
N CYS B 416 10.99 -6.54 2.71
CA CYS B 416 11.49 -6.33 1.35
C CYS B 416 13.00 -6.55 1.37
N PRO B 417 13.57 -6.98 0.23
CA PRO B 417 14.95 -7.46 0.20
C PRO B 417 16.00 -6.46 0.71
N ALA B 418 15.82 -5.17 0.44
CA ALA B 418 16.79 -4.17 0.92
C ALA B 418 16.89 -4.20 2.45
N ILE B 419 15.80 -4.55 3.11
CA ILE B 419 15.78 -4.77 4.55
C ILE B 419 16.22 -6.17 4.98
N ALA B 420 15.71 -7.18 4.29
CA ALA B 420 15.84 -8.55 4.77
C ALA B 420 17.23 -9.08 4.54
N ILE B 421 17.82 -8.75 3.39
CA ILE B 421 19.11 -9.32 3.04
C ILE B 421 20.27 -8.87 3.95
N PRO B 422 20.41 -7.56 4.17
CA PRO B 422 21.45 -7.07 5.09
C PRO B 422 21.21 -7.55 6.53
N GLN B 423 19.95 -7.64 6.91
CA GLN B 423 19.54 -8.14 8.22
C GLN B 423 20.13 -9.51 8.51
N ARG B 424 20.14 -10.38 7.48
CA ARG B 424 20.70 -11.71 7.59
C ARG B 424 22.21 -11.68 7.79
N HIS B 425 22.81 -10.58 7.38
CA HIS B 425 24.25 -10.34 7.55
C HIS B 425 24.65 -9.48 8.74
N GLY B 426 23.68 -9.13 9.59
CA GLY B 426 23.96 -8.45 10.84
C GLY B 426 23.71 -6.95 10.81
N TYR B 427 23.07 -6.47 9.76
CA TYR B 427 22.80 -5.05 9.64
C TYR B 427 21.35 -4.76 10.00
N ALA B 428 21.13 -4.09 11.14
CA ALA B 428 19.79 -3.75 11.55
C ALA B 428 19.33 -2.52 10.77
N ALA B 429 18.11 -2.57 10.27
CA ALA B 429 17.58 -1.50 9.42
C ALA B 429 17.17 -0.30 10.23
N GLU B 430 17.43 0.87 9.66
CA GLU B 430 16.92 2.12 10.17
C GLU B 430 16.55 2.90 8.91
N ILE B 431 15.38 3.52 8.91
CA ILE B 431 14.86 4.17 7.72
C ILE B 431 14.67 5.64 7.99
N VAL B 432 15.32 6.49 7.22
CA VAL B 432 15.15 7.93 7.42
C VAL B 432 14.98 8.66 6.09
N GLU B 433 14.32 9.81 6.15
CA GLU B 433 14.24 10.68 4.99
C GLU B 433 15.50 11.53 4.87
N LEU B 434 15.92 11.81 3.64
CA LEU B 434 17.17 12.53 3.40
C LEU B 434 17.25 13.85 4.20
N LYS B 435 16.13 14.54 4.32
CA LYS B 435 16.15 15.85 4.99
C LYS B 435 16.35 15.72 6.49
N THR B 436 16.06 14.55 7.03
CA THR B 436 16.29 14.27 8.44
C THR B 436 17.75 13.90 8.73
N LEU B 437 18.34 13.17 7.80
CA LEU B 437 19.68 12.59 7.94
C LEU B 437 20.79 13.49 8.54
N PRO B 438 20.90 14.75 8.09
CA PRO B 438 21.99 15.57 8.63
C PRO B 438 21.90 15.76 10.16
N ARG B 439 20.71 15.61 10.71
CA ARG B 439 20.50 15.83 12.13
C ARG B 439 20.55 14.54 12.95
N LEU B 440 20.77 13.43 12.26
CA LEU B 440 20.87 12.16 12.94
C LEU B 440 22.32 11.91 13.34
N GLN B 441 22.56 11.73 14.63
CA GLN B 441 23.91 11.40 15.05
C GLN B 441 24.05 9.88 15.10
N LEU B 442 24.85 9.36 14.18
CA LEU B 442 24.98 7.92 14.00
C LEU B 442 25.97 7.31 14.99
N GLU B 443 25.67 6.09 15.44
CA GLU B 443 26.59 5.37 16.33
C GLU B 443 27.76 4.88 15.47
N ALA B 444 28.97 4.81 16.02
CA ALA B 444 30.00 4.36 15.10
C ALA B 444 30.07 2.87 15.27
N ILE B 445 29.47 2.20 14.31
CA ILE B 445 29.43 0.76 14.20
C ILE B 445 29.37 0.56 12.70
N PRO B 446 29.80 -0.60 12.20
CA PRO B 446 29.80 -0.77 10.74
C PRO B 446 28.45 -0.41 10.15
N THR B 447 28.46 0.37 9.08
CA THR B 447 27.22 0.88 8.51
C THR B 447 27.18 0.79 7.00
N LEU B 448 26.08 0.26 6.51
CA LEU B 448 25.77 0.26 5.09
C LEU B 448 24.68 1.33 4.86
N ILE B 449 24.88 2.19 3.86
CA ILE B 449 23.86 3.18 3.50
C ILE B 449 23.22 2.90 2.14
N GLN B 450 21.89 2.82 2.10
CA GLN B 450 21.19 2.66 0.84
C GLN B 450 20.29 3.86 0.59
N CYS B 451 20.54 4.58 -0.51
CA CYS B 451 19.76 5.78 -0.85
C CYS B 451 18.83 5.54 -2.03
N PHE B 452 17.52 5.68 -1.80
CA PHE B 452 16.58 5.63 -2.90
C PHE B 452 16.22 7.08 -3.23
N LEU B 453 16.78 7.57 -4.33
CA LEU B 453 16.66 8.99 -4.70
C LEU B 453 16.53 9.09 -6.21
N ARG B 454 15.55 9.85 -6.67
CA ARG B 454 15.36 10.05 -8.10
C ARG B 454 14.55 11.31 -8.36
N GLY B 455 14.56 11.77 -9.61
CA GLY B 455 13.64 12.82 -10.01
C GLY B 455 12.23 12.27 -10.18
N ASN B 456 11.24 13.15 -10.09
CA ASN B 456 9.86 12.83 -10.35
C ASN B 456 9.07 14.12 -10.38
N PRO B 457 7.75 14.04 -10.63
CA PRO B 457 6.89 15.21 -10.44
C PRO B 457 6.94 15.75 -9.00
N PHE B 458 6.83 17.07 -8.86
CA PHE B 458 6.92 17.75 -7.57
C PHE B 458 8.27 17.56 -6.89
N THR B 459 9.32 17.80 -7.65
CA THR B 459 10.66 17.80 -7.08
C THR B 459 11.28 19.15 -7.38
N GLU B 460 11.57 19.93 -6.34
CA GLU B 460 12.15 21.24 -6.55
C GLU B 460 13.57 21.14 -7.10
N LYS B 461 14.38 20.27 -6.50
CA LYS B 461 15.72 20.03 -7.02
C LYS B 461 16.14 18.61 -6.68
N LEU B 462 17.04 18.06 -7.47
CA LEU B 462 17.46 16.69 -7.23
C LEU B 462 18.12 16.56 -5.87
N ALA B 463 17.81 15.47 -5.18
CA ALA B 463 18.42 15.20 -3.88
C ALA B 463 19.93 15.07 -4.07
N ASP B 464 20.69 15.66 -3.16
CA ASP B 464 22.15 15.67 -3.28
C ASP B 464 22.80 15.26 -1.96
N PRO B 465 22.97 13.94 -1.76
CA PRO B 465 23.50 13.28 -0.56
C PRO B 465 25.01 13.49 -0.33
N ILE B 466 25.74 13.97 -1.32
CA ILE B 466 27.20 13.95 -1.26
C ILE B 466 27.79 14.56 0.02
N ASP B 467 27.40 15.78 0.35
CA ASP B 467 27.94 16.44 1.53
C ASP B 467 27.65 15.69 2.83
N VAL B 468 26.43 15.20 2.98
CA VAL B 468 26.12 14.49 4.22
C VAL B 468 26.83 13.14 4.27
N LEU B 469 26.90 12.43 3.15
CA LEU B 469 27.66 11.19 3.09
C LEU B 469 29.11 11.43 3.45
N GLN B 470 29.67 12.56 3.03
N GLN B 470 29.67 12.55 2.99
CA GLN B 470 31.05 12.89 3.34
CA GLN B 470 31.04 12.94 3.35
C GLN B 470 31.25 13.14 4.85
C GLN B 470 31.15 13.02 4.86
N LYS B 471 30.31 13.85 5.46
CA LYS B 471 30.37 14.08 6.91
C LYS B 471 30.25 12.76 7.68
N ILE B 472 29.32 11.92 7.23
CA ILE B 472 29.10 10.61 7.86
C ILE B 472 30.35 9.72 7.77
N ALA B 473 30.91 9.63 6.57
CA ALA B 473 32.09 8.79 6.34
C ALA B 473 33.26 9.18 7.23
N ALA B 474 33.34 10.45 7.61
CA ALA B 474 34.39 10.86 8.53
C ALA B 474 34.09 10.50 9.99
N GLN B 475 32.80 10.43 10.35
CA GLN B 475 32.40 10.09 11.70
C GLN B 475 32.38 8.58 12.03
N ILE B 476 31.95 7.77 11.07
CA ILE B 476 31.68 6.35 11.35
C ILE B 476 32.24 5.45 10.25
N PRO B 477 32.39 4.14 10.55
CA PRO B 477 32.97 3.12 9.67
C PRO B 477 32.02 2.66 8.56
N LEU B 478 32.02 3.42 7.46
CA LEU B 478 31.10 3.15 6.36
C LEU B 478 31.55 1.95 5.52
N GLN B 479 30.70 0.93 5.45
CA GLN B 479 31.02 -0.29 4.71
C GLN B 479 30.77 -0.16 3.20
N GLY B 480 29.80 0.67 2.82
CA GLY B 480 29.47 0.85 1.44
C GLY B 480 28.26 1.74 1.26
N VAL B 481 28.04 2.19 0.03
CA VAL B 481 26.88 3.00 -0.28
C VAL B 481 26.21 2.45 -1.53
N ILE B 482 24.88 2.36 -1.49
CA ILE B 482 24.11 1.93 -2.64
C ILE B 482 23.15 3.05 -3.06
N PHE B 483 23.07 3.30 -4.37
CA PHE B 483 22.13 4.26 -4.94
C PHE B 483 21.11 3.55 -5.83
N TYR B 484 19.82 3.83 -5.61
CA TYR B 484 18.78 3.36 -6.54
C TYR B 484 18.05 4.59 -7.06
N GLY B 485 17.88 4.69 -8.37
CA GLY B 485 17.24 5.85 -8.92
C GLY B 485 18.12 6.57 -9.91
N SER B 486 18.29 7.85 -9.67
CA SER B 486 19.12 8.74 -10.46
C SER B 486 20.62 8.40 -10.43
N PRO B 487 21.24 8.42 -11.59
CA PRO B 487 22.66 8.14 -11.73
C PRO B 487 23.54 9.38 -11.65
N TYR B 488 22.96 10.54 -11.53
CA TYR B 488 23.69 11.79 -11.69
C TYR B 488 24.69 12.20 -10.60
N PHE B 489 24.60 11.64 -9.42
CA PHE B 489 25.57 11.97 -8.37
C PHE B 489 26.71 10.97 -8.18
N LEU B 490 26.82 10.00 -9.08
CA LEU B 490 27.84 8.97 -9.00
C LEU B 490 29.26 9.49 -9.20
N GLU B 491 29.46 10.42 -10.12
CA GLU B 491 30.77 11.00 -10.37
C GLU B 491 31.26 11.70 -9.10
N ALA B 492 30.38 12.51 -8.51
CA ALA B 492 30.69 13.23 -7.27
C ALA B 492 31.01 12.27 -6.12
N LEU B 493 30.22 11.20 -6.03
CA LEU B 493 30.46 10.16 -5.02
C LEU B 493 31.85 9.57 -5.15
N GLN B 494 32.22 9.18 -6.37
CA GLN B 494 33.51 8.54 -6.59
C GLN B 494 34.67 9.51 -6.37
N THR B 495 34.47 10.78 -6.70
CA THR B 495 35.53 11.76 -6.51
C THR B 495 35.68 12.12 -5.04
N THR B 496 34.56 12.26 -4.36
CA THR B 496 34.56 12.70 -2.97
C THR B 496 34.89 11.58 -1.98
N LEU B 497 34.37 10.38 -2.24
CA LEU B 497 34.63 9.25 -1.35
C LEU B 497 35.21 8.06 -2.10
N PRO B 498 36.42 8.24 -2.67
CA PRO B 498 37.03 7.23 -3.55
C PRO B 498 37.27 5.89 -2.83
N GLU B 499 37.36 5.94 -1.50
CA GLU B 499 37.66 4.74 -0.74
C GLU B 499 36.42 3.94 -0.30
N ILE B 500 35.23 4.49 -0.55
CA ILE B 500 34.01 3.81 -0.17
C ILE B 500 33.44 3.04 -1.36
N PRO B 501 33.16 1.74 -1.17
CA PRO B 501 32.59 0.93 -2.24
C PRO B 501 31.14 1.33 -2.51
N TRP B 502 30.77 1.37 -3.78
CA TRP B 502 29.41 1.75 -4.14
C TRP B 502 28.84 0.89 -5.25
N TRP B 503 27.52 0.86 -5.28
CA TRP B 503 26.73 0.09 -6.23
C TRP B 503 25.58 0.97 -6.69
N PHE B 504 25.12 0.76 -7.92
CA PHE B 504 24.03 1.57 -8.43
C PHE B 504 23.07 0.75 -9.28
N SER B 505 21.76 0.99 -9.07
CA SER B 505 20.70 0.46 -9.94
C SER B 505 19.68 1.56 -10.27
N TYR B 506 19.10 1.51 -11.47
CA TYR B 506 18.04 2.43 -11.86
C TYR B 506 16.73 2.08 -11.18
N GLY B 507 16.48 0.79 -10.95
CA GLY B 507 15.24 0.36 -10.36
C GLY B 507 15.23 0.48 -8.85
N GLN B 508 14.07 0.84 -8.28
CA GLN B 508 13.88 0.78 -6.84
C GLN B 508 13.07 -0.40 -6.28
N ALA B 510 11.40 -4.35 -5.54
CA ALA B 510 11.93 -5.44 -4.74
C ALA B 510 13.02 -6.24 -5.46
N ILE B 511 12.76 -6.59 -6.72
CA ILE B 511 13.73 -7.35 -7.51
C ILE B 511 15.05 -6.60 -7.68
N ALA B 512 14.98 -5.28 -7.86
CA ALA B 512 16.19 -4.48 -7.99
C ALA B 512 16.96 -4.45 -6.67
N GLN B 513 16.25 -4.44 -5.56
CA GLN B 513 16.89 -4.47 -4.26
C GLN B 513 17.59 -5.81 -4.06
N ALA B 514 16.91 -6.89 -4.42
CA ALA B 514 17.46 -8.23 -4.27
C ALA B 514 18.76 -8.39 -5.06
N GLU B 515 18.74 -7.98 -6.33
N GLU B 515 18.76 -7.95 -6.32
CA GLU B 515 19.93 -8.12 -7.17
CA GLU B 515 19.94 -8.16 -7.15
C GLU B 515 21.13 -7.45 -6.51
C GLU B 515 21.18 -7.41 -6.65
N ILE B 516 21.00 -6.16 -6.22
CA ILE B 516 22.11 -5.41 -5.64
C ILE B 516 22.55 -5.99 -4.29
N CYS B 517 21.62 -6.11 -3.34
CA CYS B 517 22.00 -6.54 -2.00
C CYS B 517 22.61 -7.93 -1.99
N THR B 518 22.04 -8.84 -2.78
CA THR B 518 22.62 -10.17 -2.88
C THR B 518 24.07 -10.10 -3.32
N SER B 519 24.39 -9.17 -4.22
CA SER B 519 25.75 -9.10 -4.75
C SER B 519 26.77 -8.55 -3.73
N LEU B 520 26.30 -7.89 -2.67
CA LEU B 520 27.21 -7.32 -1.67
C LEU B 520 27.94 -8.41 -0.89
N TRP B 521 27.34 -9.59 -0.83
CA TRP B 521 27.89 -10.71 -0.08
C TRP B 521 28.24 -11.89 -1.00
N GLU B 522 27.24 -12.42 -1.69
CA GLU B 522 27.43 -13.58 -2.58
C GLU B 522 28.43 -13.34 -3.70
N GLU B 523 28.86 -12.10 -3.90
CA GLU B 523 30.03 -11.81 -4.72
C GLU B 523 30.96 -10.83 -4.02
N ALA B 531 14.07 -14.91 8.38
CA ALA B 531 13.33 -13.98 9.25
C ALA B 531 12.10 -14.64 9.88
N ALA B 532 12.00 -14.59 11.20
CA ALA B 532 10.89 -15.23 11.90
C ALA B 532 9.50 -14.59 11.65
N GLU B 533 9.44 -13.28 11.38
CA GLU B 533 8.14 -12.61 11.23
C GLU B 533 7.34 -13.16 10.05
N PHE B 534 6.14 -13.66 10.33
CA PHE B 534 5.12 -13.93 9.30
C PHE B 534 3.96 -12.93 9.20
N ILE B 535 3.85 -11.98 10.15
CA ILE B 535 2.75 -11.01 10.18
C ILE B 535 3.15 -9.65 10.76
#